data_6UGB
# 
_entry.id   6UGB 
# 
_audit_conform.dict_name       mmcif_pdbx.dic 
_audit_conform.dict_version    5.398 
_audit_conform.dict_location   http://mmcif.pdb.org/dictionaries/ascii/mmcif_pdbx.dic 
# 
loop_
_database_2.database_id 
_database_2.database_code 
_database_2.pdbx_database_accession 
_database_2.pdbx_DOI 
PDB   6UGB         pdb_00006ugb 10.2210/pdb6ugb/pdb 
WWPDB D_1000244575 ?            ?                   
# 
loop_
_pdbx_audit_revision_history.ordinal 
_pdbx_audit_revision_history.data_content_type 
_pdbx_audit_revision_history.major_revision 
_pdbx_audit_revision_history.minor_revision 
_pdbx_audit_revision_history.revision_date 
1 'Structure model' 1 0 2020-12-02 
2 'Structure model' 1 1 2024-11-06 
# 
_pdbx_audit_revision_details.ordinal             1 
_pdbx_audit_revision_details.revision_ordinal    1 
_pdbx_audit_revision_details.data_content_type   'Structure model' 
_pdbx_audit_revision_details.provider            repository 
_pdbx_audit_revision_details.type                'Initial release' 
_pdbx_audit_revision_details.description         ? 
_pdbx_audit_revision_details.details             ? 
# 
loop_
_pdbx_audit_revision_group.ordinal 
_pdbx_audit_revision_group.revision_ordinal 
_pdbx_audit_revision_group.data_content_type 
_pdbx_audit_revision_group.group 
1 2 'Structure model' 'Data collection'     
2 2 'Structure model' 'Database references' 
3 2 'Structure model' 'Structure summary'   
# 
loop_
_pdbx_audit_revision_category.ordinal 
_pdbx_audit_revision_category.revision_ordinal 
_pdbx_audit_revision_category.data_content_type 
_pdbx_audit_revision_category.category 
1 2 'Structure model' chem_comp_atom            
2 2 'Structure model' chem_comp_bond            
3 2 'Structure model' database_2                
4 2 'Structure model' pdbx_entry_details        
5 2 'Structure model' pdbx_modification_feature 
# 
loop_
_pdbx_audit_revision_item.ordinal 
_pdbx_audit_revision_item.revision_ordinal 
_pdbx_audit_revision_item.data_content_type 
_pdbx_audit_revision_item.item 
1 2 'Structure model' '_database_2.pdbx_DOI'                         
2 2 'Structure model' '_database_2.pdbx_database_accession'          
3 2 'Structure model' '_pdbx_entry_details.has_protein_modification' 
# 
_pdbx_database_status.status_code                     REL 
_pdbx_database_status.status_code_sf                  REL 
_pdbx_database_status.status_code_mr                  ? 
_pdbx_database_status.entry_id                        6UGB 
_pdbx_database_status.recvd_initial_deposition_date   2019-09-26 
_pdbx_database_status.SG_entry                        N 
_pdbx_database_status.deposit_site                    RCSB 
_pdbx_database_status.process_site                    RCSB 
_pdbx_database_status.status_code_cs                  ? 
_pdbx_database_status.status_code_nmr_data            ? 
_pdbx_database_status.methods_development_category    ? 
_pdbx_database_status.pdb_format_compatible           Y 
# 
loop_
_audit_author.name 
_audit_author.pdbx_ordinal 
_audit_author.identifier_ORCID 
'Mulligan, V.K.'  1 0000-0001-6038-8922 
'Kang, C.S.'      2 0000-0003-0959-0783 
'Antselovich, I.' 3 0000-0002-2208-9937 
'Sawaya, M.R.'    4 0000-0003-0874-9043 
'Yeates, T.O.'    5 0000-0001-5709-9839 
'Baker, D.'       6 0000-0001-7896-6217 
# 
_citation.abstract                  ? 
_citation.abstract_id_CAS           ? 
_citation.book_id_ISBN              ? 
_citation.book_publisher            ? 
_citation.book_publisher_city       ? 
_citation.book_title                ? 
_citation.coordinate_linkage        ? 
_citation.country                   US 
_citation.database_id_Medline       ? 
_citation.details                   ? 
_citation.id                        primary 
_citation.journal_abbrev            'Protein Sci.' 
_citation.journal_id_ASTM           PRCIEI 
_citation.journal_id_CSD            0795 
_citation.journal_id_ISSN           1469-896X 
_citation.journal_full              ? 
_citation.journal_issue             ? 
_citation.journal_volume            29 
_citation.language                  ? 
_citation.page_first                2433 
_citation.page_last                 2445 
_citation.title                     'Computational design of mixed chirality peptide macrocycles with internal symmetry.' 
_citation.year                      2020 
_citation.database_id_CSD           ? 
_citation.pdbx_database_id_DOI      10.1002/pro.3974 
_citation.pdbx_database_id_PubMed   33058266 
_citation.unpublished_flag          ? 
# 
loop_
_citation_author.citation_id 
_citation_author.name 
_citation_author.ordinal 
_citation_author.identifier_ORCID 
primary 'Mulligan, V.K.'  1  0000-0001-6038-8922 
primary 'Kang, C.S.'      2  0000-0003-0959-0783 
primary 'Sawaya, M.R.'    3  ?                   
primary 'Rettie, S.'      4  ?                   
primary 'Li, X.'          5  ?                   
primary 'Antselovich, I.' 6  ?                   
primary 'Craven, T.W.'    7  ?                   
primary 'Watkins, A.M.'   8  ?                   
primary 'Labonte, J.W.'   9  ?                   
primary 'DiMaio, F.'      10 ?                   
primary 'Yeates, T.O.'    11 0000-0001-5709-9839 
primary 'Baker, D.'       12 ?                   
# 
loop_
_entity.id 
_entity.type 
_entity.src_method 
_entity.pdbx_description 
_entity.formula_weight 
_entity.pdbx_number_of_molecules 
_entity.pdbx_ec 
_entity.pdbx_mutation 
_entity.pdbx_fragment 
_entity.details 
1 polymer     syn 'C3 symmetric peptide design number 2, Baby Basil' 387.412 2 ? ? ? 
;The crystal contains a racemic mixture of the peptide. Chain A corresponds to 1/3 of the cyclic peptide. Chain B corresponds to 1/3 of another copy of the cyclic peptide.
;
2 non-polymer syn 'SODIUM ION'                                       22.990  3 ? ? ? ? 
3 non-polymer nat 'ZINC ION'                                         65.409  1 ? ? ? ? 
4 non-polymer syn 'CHLORIDE ION'                                     35.453  2 ? ? ? ? 
5 water       nat water                                              18.015  8 ? ? ? ? 
# 
_entity_poly.entity_id                      1 
_entity_poly.type                           'polypeptide(L)' 
_entity_poly.nstd_linkage                   no 
_entity_poly.nstd_monomer                   no 
_entity_poly.pdbx_seq_one_letter_code       PRD 
_entity_poly.pdbx_seq_one_letter_code_can   PRD 
_entity_poly.pdbx_strand_id                 A,B 
_entity_poly.pdbx_target_identifier         ? 
# 
loop_
_pdbx_entity_nonpoly.entity_id 
_pdbx_entity_nonpoly.name 
_pdbx_entity_nonpoly.comp_id 
2 'SODIUM ION'   NA  
3 'ZINC ION'     ZN  
4 'CHLORIDE ION' CL  
5 water          HOH 
# 
loop_
_entity_poly_seq.entity_id 
_entity_poly_seq.num 
_entity_poly_seq.mon_id 
_entity_poly_seq.hetero 
1 1 PRO n 
1 2 ARG n 
1 3 ASP n 
# 
_pdbx_entity_src_syn.entity_id              1 
_pdbx_entity_src_syn.pdbx_src_id            1 
_pdbx_entity_src_syn.pdbx_alt_source_flag   sample 
_pdbx_entity_src_syn.pdbx_beg_seq_num       1 
_pdbx_entity_src_syn.pdbx_end_seq_num       3 
_pdbx_entity_src_syn.organism_scientific    'synthetic construct' 
_pdbx_entity_src_syn.organism_common_name   ? 
_pdbx_entity_src_syn.ncbi_taxonomy_id       32630 
_pdbx_entity_src_syn.details                ? 
# 
loop_
_chem_comp.id 
_chem_comp.type 
_chem_comp.mon_nstd_flag 
_chem_comp.name 
_chem_comp.pdbx_synonyms 
_chem_comp.formula 
_chem_comp.formula_weight 
ARG 'L-peptide linking' y ARGININE        ? 'C6 H15 N4 O2 1' 175.209 
ASP 'L-peptide linking' y 'ASPARTIC ACID' ? 'C4 H7 N O4'     133.103 
CL  non-polymer         . 'CHLORIDE ION'  ? 'Cl -1'          35.453  
HOH non-polymer         . WATER           ? 'H2 O'           18.015  
NA  non-polymer         . 'SODIUM ION'    ? 'Na 1'           22.990  
PRO 'L-peptide linking' y PROLINE         ? 'C5 H9 N O2'     115.130 
ZN  non-polymer         . 'ZINC ION'      ? 'Zn 2'           65.409  
# 
loop_
_pdbx_poly_seq_scheme.asym_id 
_pdbx_poly_seq_scheme.entity_id 
_pdbx_poly_seq_scheme.seq_id 
_pdbx_poly_seq_scheme.mon_id 
_pdbx_poly_seq_scheme.ndb_seq_num 
_pdbx_poly_seq_scheme.pdb_seq_num 
_pdbx_poly_seq_scheme.auth_seq_num 
_pdbx_poly_seq_scheme.pdb_mon_id 
_pdbx_poly_seq_scheme.auth_mon_id 
_pdbx_poly_seq_scheme.pdb_strand_id 
_pdbx_poly_seq_scheme.pdb_ins_code 
_pdbx_poly_seq_scheme.hetero 
A 1 1 PRO 1 1 1 PRO PRO A . n 
A 1 2 ARG 2 2 2 ARG ARG A . n 
A 1 3 ASP 3 3 3 ASP ASP A . n 
B 1 1 PRO 1 1 1 PRO PRO B . n 
B 1 2 ARG 2 2 2 ARG ARG B . n 
B 1 3 ASP 3 3 3 ASP ASP B . n 
# 
loop_
_pdbx_nonpoly_scheme.asym_id 
_pdbx_nonpoly_scheme.entity_id 
_pdbx_nonpoly_scheme.mon_id 
_pdbx_nonpoly_scheme.ndb_seq_num 
_pdbx_nonpoly_scheme.pdb_seq_num 
_pdbx_nonpoly_scheme.auth_seq_num 
_pdbx_nonpoly_scheme.pdb_mon_id 
_pdbx_nonpoly_scheme.auth_mon_id 
_pdbx_nonpoly_scheme.pdb_strand_id 
_pdbx_nonpoly_scheme.pdb_ins_code 
C 2 NA  1 101 10 NA  NA  A . 
D 2 NA  1 102 13 NA  NA  A . 
E 3 ZN  1 101 10 ZN  ZN  B . 
F 4 CL  1 102 11 CL  CL  B . 
G 4 CL  1 103 12 CL  CL  B . 
H 2 NA  1 104 14 NA  NA  B . 
I 5 HOH 1 201 12 HOH HOH A . 
I 5 HOH 2 202 11 HOH HOH A . 
I 5 HOH 3 203 13 HOH HOH A . 
I 5 HOH 4 204 14 HOH HOH A . 
J 5 HOH 1 201 15 HOH HOH B . 
J 5 HOH 2 202 16 HOH HOH B . 
J 5 HOH 3 203 18 HOH HOH B . 
J 5 HOH 4 204 17 HOH HOH B . 
# 
loop_
_software.citation_id 
_software.classification 
_software.compiler_name 
_software.compiler_version 
_software.contact_author 
_software.contact_author_email 
_software.date 
_software.description 
_software.dependencies 
_software.hardware 
_software.language 
_software.location 
_software.mods 
_software.name 
_software.os 
_software.os_version 
_software.type 
_software.version 
_software.pdbx_ordinal 
? refinement        ? ? ? ? ? ? ? ? ? ? ? REFMAC      ? ? ? 5.8.0266          1 
? 'data reduction'  ? ? ? ? ? ? ? ? ? ? ? XDS         ? ? ? 20180126          2 
? 'data scaling'    ? ? ? ? ? ? ? ? ? ? ? XSCALE      ? ? ? 20180126          3 
? 'data extraction' ? ? ? ? ? ? ? ? ? ? ? PDB_EXTRACT ? ? ? 3.25              4 
? phasing           ? ? ? ? ? ? ? ? ? ? ? SHELXD      ? ? ? 'SHELXT actually' 5 
# 
_cell.angle_alpha                  90.000 
_cell.angle_alpha_esd              ? 
_cell.angle_beta                   90.000 
_cell.angle_beta_esd               ? 
_cell.angle_gamma                  120.000 
_cell.angle_gamma_esd              ? 
_cell.entry_id                     6UGB 
_cell.details                      ? 
_cell.formula_units_Z              ? 
_cell.length_a                     24.720 
_cell.length_a_esd                 ? 
_cell.length_b                     24.720 
_cell.length_b_esd                 ? 
_cell.length_c                     19.590 
_cell.length_c_esd                 ? 
_cell.volume                       ? 
_cell.volume_esd                   ? 
_cell.Z_PDB                        12 
_cell.reciprocal_angle_alpha       ? 
_cell.reciprocal_angle_beta        ? 
_cell.reciprocal_angle_gamma       ? 
_cell.reciprocal_angle_alpha_esd   ? 
_cell.reciprocal_angle_beta_esd    ? 
_cell.reciprocal_angle_gamma_esd   ? 
_cell.reciprocal_length_a          ? 
_cell.reciprocal_length_b          ? 
_cell.reciprocal_length_c          ? 
_cell.reciprocal_length_a_esd      ? 
_cell.reciprocal_length_b_esd      ? 
_cell.reciprocal_length_c_esd      ? 
_cell.pdbx_unique_axis             ? 
# 
_symmetry.entry_id                         6UGB 
_symmetry.cell_setting                     ? 
_symmetry.Int_Tables_number                147 
_symmetry.space_group_name_Hall            ? 
_symmetry.space_group_name_H-M             'P -3' 
_symmetry.pdbx_full_space_group_name_H-M   ? 
# 
_exptl.absorpt_coefficient_mu     ? 
_exptl.absorpt_correction_T_max   ? 
_exptl.absorpt_correction_T_min   ? 
_exptl.absorpt_correction_type    ? 
_exptl.absorpt_process_details    ? 
_exptl.entry_id                   6UGB 
_exptl.crystals_number            1 
_exptl.details                    ? 
_exptl.method                     'X-RAY DIFFRACTION' 
_exptl.method_details             ? 
# 
_exptl_crystal.colour                      ? 
_exptl_crystal.density_diffrn              ? 
_exptl_crystal.density_Matthews            2.23 
_exptl_crystal.density_method              ? 
_exptl_crystal.density_percent_sol         44.89 
_exptl_crystal.description                 ? 
_exptl_crystal.F_000                       ? 
_exptl_crystal.id                          1 
_exptl_crystal.preparation                 ? 
_exptl_crystal.size_max                    ? 
_exptl_crystal.size_mid                    ? 
_exptl_crystal.size_min                    ? 
_exptl_crystal.size_rad                    ? 
_exptl_crystal.colour_lustre               ? 
_exptl_crystal.colour_modifier             ? 
_exptl_crystal.colour_primary              ? 
_exptl_crystal.density_meas                ? 
_exptl_crystal.density_meas_esd            ? 
_exptl_crystal.density_meas_gt             ? 
_exptl_crystal.density_meas_lt             ? 
_exptl_crystal.density_meas_temp           ? 
_exptl_crystal.density_meas_temp_esd       ? 
_exptl_crystal.density_meas_temp_gt        ? 
_exptl_crystal.density_meas_temp_lt        ? 
_exptl_crystal.pdbx_crystal_image_url      ? 
_exptl_crystal.pdbx_crystal_image_format   ? 
_exptl_crystal.pdbx_mosaicity              ? 
_exptl_crystal.pdbx_mosaicity_esd          ? 
# 
_exptl_crystal_grow.apparatus       ? 
_exptl_crystal_grow.atmosphere      ? 
_exptl_crystal_grow.crystal_id      1 
_exptl_crystal_grow.details         ? 
_exptl_crystal_grow.method          'VAPOR DIFFUSION, HANGING DROP' 
_exptl_crystal_grow.method_ref      ? 
_exptl_crystal_grow.pH              8.0 
_exptl_crystal_grow.pressure        ? 
_exptl_crystal_grow.pressure_esd    ? 
_exptl_crystal_grow.seeding         ? 
_exptl_crystal_grow.seeding_ref     ? 
_exptl_crystal_grow.temp            298 
_exptl_crystal_grow.temp_details    ? 
_exptl_crystal_grow.temp_esd        ? 
_exptl_crystal_grow.time            ? 
_exptl_crystal_grow.pdbx_details    '0.2M zinc acetate, 0.1 M imidazole pH 8.0, 2.5 M sodium chloride' 
_exptl_crystal_grow.pdbx_pH_range   ? 
# 
_diffrn.ambient_environment              ? 
_diffrn.ambient_temp                     100 
_diffrn.ambient_temp_details             ? 
_diffrn.ambient_temp_esd                 ? 
_diffrn.crystal_id                       1 
_diffrn.crystal_support                  ? 
_diffrn.crystal_treatment                ? 
_diffrn.details                          ? 
_diffrn.id                               1 
_diffrn.ambient_pressure                 ? 
_diffrn.ambient_pressure_esd             ? 
_diffrn.ambient_pressure_gt              ? 
_diffrn.ambient_pressure_lt              ? 
_diffrn.ambient_temp_gt                  ? 
_diffrn.ambient_temp_lt                  ? 
_diffrn.pdbx_serial_crystal_experiment   N 
# 
_diffrn_detector.details                      ? 
_diffrn_detector.detector                     PIXEL 
_diffrn_detector.diffrn_id                    1 
_diffrn_detector.type                         'DECTRIS PILATUS 6M-F' 
_diffrn_detector.area_resol_mean              ? 
_diffrn_detector.dtime                        ? 
_diffrn_detector.pdbx_frames_total            ? 
_diffrn_detector.pdbx_collection_time_total   ? 
_diffrn_detector.pdbx_collection_date         2018-08-17 
_diffrn_detector.pdbx_frequency               ? 
# 
_diffrn_radiation.collimation                      ? 
_diffrn_radiation.diffrn_id                        1 
_diffrn_radiation.filter_edge                      ? 
_diffrn_radiation.inhomogeneity                    ? 
_diffrn_radiation.monochromator                    'Si (111)' 
_diffrn_radiation.polarisn_norm                    ? 
_diffrn_radiation.polarisn_ratio                   ? 
_diffrn_radiation.probe                            ? 
_diffrn_radiation.type                             ? 
_diffrn_radiation.xray_symbol                      ? 
_diffrn_radiation.wavelength_id                    1 
_diffrn_radiation.pdbx_monochromatic_or_laue_m_l   M 
_diffrn_radiation.pdbx_wavelength_list             ? 
_diffrn_radiation.pdbx_wavelength                  ? 
_diffrn_radiation.pdbx_diffrn_protocol             'SINGLE WAVELENGTH' 
_diffrn_radiation.pdbx_analyzer                    ? 
_diffrn_radiation.pdbx_scattering_type             x-ray 
# 
_diffrn_radiation_wavelength.id           1 
_diffrn_radiation_wavelength.wavelength   0.77490 
_diffrn_radiation_wavelength.wt           1.0 
# 
_diffrn_source.current                     ? 
_diffrn_source.details                     ? 
_diffrn_source.diffrn_id                   1 
_diffrn_source.power                       ? 
_diffrn_source.size                        ? 
_diffrn_source.source                      SYNCHROTRON 
_diffrn_source.target                      ? 
_diffrn_source.type                        'APS BEAMLINE 24-ID-C' 
_diffrn_source.voltage                     ? 
_diffrn_source.take-off_angle              ? 
_diffrn_source.pdbx_wavelength_list        0.77490 
_diffrn_source.pdbx_wavelength             ? 
_diffrn_source.pdbx_synchrotron_beamline   24-ID-C 
_diffrn_source.pdbx_synchrotron_site       APS 
# 
_reflns.B_iso_Wilson_estimate            11.649 
_reflns.entry_id                         6UGB 
_reflns.data_reduction_details           ? 
_reflns.data_reduction_method            ? 
_reflns.d_resolution_high                0.950 
_reflns.d_resolution_low                 21.41 
_reflns.details                          ? 
_reflns.limit_h_max                      ? 
_reflns.limit_h_min                      ? 
_reflns.limit_k_max                      ? 
_reflns.limit_k_min                      ? 
_reflns.limit_l_max                      ? 
_reflns.limit_l_min                      ? 
_reflns.number_all                       ? 
_reflns.number_obs                       7972 
_reflns.observed_criterion               ? 
_reflns.observed_criterion_F_max         ? 
_reflns.observed_criterion_F_min         ? 
_reflns.observed_criterion_I_max         ? 
_reflns.observed_criterion_I_min         ? 
_reflns.observed_criterion_sigma_F       ? 
_reflns.observed_criterion_sigma_I       ? 
_reflns.percent_possible_obs             94.100 
_reflns.R_free_details                   ? 
_reflns.Rmerge_F_all                     ? 
_reflns.Rmerge_F_obs                     ? 
_reflns.Friedel_coverage                 ? 
_reflns.number_gt                        ? 
_reflns.threshold_expression             ? 
_reflns.pdbx_redundancy                  2.865 
_reflns.pdbx_Rmerge_I_obs                0.063 
_reflns.pdbx_Rmerge_I_all                ? 
_reflns.pdbx_Rsym_value                  ? 
_reflns.pdbx_netI_over_av_sigmaI         ? 
_reflns.pdbx_netI_over_sigmaI            8.440 
_reflns.pdbx_res_netI_over_av_sigmaI_2   ? 
_reflns.pdbx_res_netI_over_sigmaI_2      ? 
_reflns.pdbx_chi_squared                 0.908 
_reflns.pdbx_scaling_rejects             ? 
_reflns.pdbx_d_res_high_opt              ? 
_reflns.pdbx_d_res_low_opt               ? 
_reflns.pdbx_d_res_opt_method            ? 
_reflns.phase_calculation_details        ? 
_reflns.pdbx_Rrim_I_all                  0.075 
_reflns.pdbx_Rpim_I_all                  ? 
_reflns.pdbx_d_opt                       ? 
_reflns.pdbx_number_measured_all         ? 
_reflns.pdbx_diffrn_id                   1 
_reflns.pdbx_ordinal                     1 
_reflns.pdbx_CC_half                     0.997 
_reflns.pdbx_CC_star                     ? 
_reflns.pdbx_R_split                     ? 
# 
loop_
_reflns_shell.d_res_high 
_reflns_shell.d_res_low 
_reflns_shell.meanI_over_sigI_all 
_reflns_shell.meanI_over_sigI_obs 
_reflns_shell.number_measured_all 
_reflns_shell.number_measured_obs 
_reflns_shell.number_possible 
_reflns_shell.number_unique_all 
_reflns_shell.number_unique_obs 
_reflns_shell.percent_possible_all 
_reflns_shell.percent_possible_obs 
_reflns_shell.Rmerge_F_all 
_reflns_shell.Rmerge_F_obs 
_reflns_shell.Rmerge_I_all 
_reflns_shell.Rmerge_I_obs 
_reflns_shell.meanI_over_sigI_gt 
_reflns_shell.meanI_over_uI_all 
_reflns_shell.meanI_over_uI_gt 
_reflns_shell.number_measured_gt 
_reflns_shell.number_unique_gt 
_reflns_shell.percent_possible_gt 
_reflns_shell.Rmerge_F_gt 
_reflns_shell.Rmerge_I_gt 
_reflns_shell.pdbx_redundancy 
_reflns_shell.pdbx_Rsym_value 
_reflns_shell.pdbx_chi_squared 
_reflns_shell.pdbx_netI_over_sigmaI_all 
_reflns_shell.pdbx_netI_over_sigmaI_obs 
_reflns_shell.pdbx_Rrim_I_all 
_reflns_shell.pdbx_Rpim_I_all 
_reflns_shell.pdbx_rejects 
_reflns_shell.pdbx_ordinal 
_reflns_shell.pdbx_diffrn_id 
_reflns_shell.pdbx_CC_half 
_reflns_shell.pdbx_CC_star 
_reflns_shell.pdbx_R_split 
0.950 0.970 ? 1.160  ? ? ? ? 591 95.300 ? ? ? ? 1.122 ? ? ? ? ? ? ? ? 2.531 ? ? ? ? 1.398 ? ? 1  1 0.393 ? ? 
0.970 1.000 ? 1.420  ? ? ? ? 589 96.400 ? ? ? ? 0.949 ? ? ? ? ? ? ? ? 2.699 ? ? ? ? 1.175 ? ? 2  1 0.695 ? ? 
1.000 1.030 ? 2.150  ? ? ? ? 567 94.700 ? ? ? ? 0.589 ? ? ? ? ? ? ? ? 2.550 ? ? ? ? 0.733 ? ? 3  1 0.869 ? ? 
1.030 1.060 ? 3.080  ? ? ? ? 572 98.600 ? ? ? ? 0.440 ? ? ? ? ? ? ? ? 2.673 ? ? ? ? 0.542 ? ? 4  1 0.882 ? ? 
1.060 1.100 ? 4.660  ? ? ? ? 538 96.800 ? ? ? ? 0.274 ? ? ? ? ? ? ? ? 2.825 ? ? ? ? 0.337 ? ? 5  1 0.943 ? ? 
1.100 1.130 ? 5.210  ? ? ? ? 518 97.000 ? ? ? ? 0.250 ? ? ? ? ? ? ? ? 2.884 ? ? ? ? 0.304 ? ? 6  1 0.957 ? ? 
1.130 1.180 ? 6.020  ? ? ? ? 522 96.500 ? ? ? ? 0.192 ? ? ? ? ? ? ? ? 2.895 ? ? ? ? 0.233 ? ? 7  1 0.966 ? ? 
1.180 1.230 ? 6.660  ? ? ? ? 462 93.900 ? ? ? ? 0.154 ? ? ? ? ? ? ? ? 2.762 ? ? ? ? 0.189 ? ? 8  1 0.978 ? ? 
1.230 1.280 ? 7.870  ? ? ? ? 452 95.400 ? ? ? ? 0.125 ? ? ? ? ? ? ? ? 2.648 ? ? ? ? 0.153 ? ? 9  1 0.985 ? ? 
1.280 1.340 ? 9.110  ? ? ? ? 433 95.800 ? ? ? ? 0.103 ? ? ? ? ? ? ? ? 3.092 ? ? ? ? 0.123 ? ? 10 1 0.989 ? ? 
1.340 1.420 ? 11.330 ? ? ? ? 428 93.900 ? ? ? ? 0.082 ? ? ? ? ? ? ? ? 3.014 ? ? ? ? 0.099 ? ? 11 1 0.989 ? ? 
1.420 1.500 ? 13.040 ? ? ? ? 387 93.700 ? ? ? ? 0.065 ? ? ? ? ? ? ? ? 3.054 ? ? ? ? 0.079 ? ? 12 1 0.993 ? ? 
1.500 1.600 ? 14.620 ? ? ? ? 348 92.800 ? ? ? ? 0.063 ? ? ? ? ? ? ? ? 3.000 ? ? ? ? 0.075 ? ? 13 1 0.992 ? ? 
1.600 1.730 ? 14.020 ? ? ? ? 319 88.100 ? ? ? ? 0.054 ? ? ? ? ? ? ? ? 2.824 ? ? ? ? 0.065 ? ? 14 1 0.995 ? ? 
1.730 1.900 ? 18.070 ? ? ? ? 310 90.900 ? ? ? ? 0.047 ? ? ? ? ? ? ? ? 3.165 ? ? ? ? 0.056 ? ? 15 1 0.996 ? ? 
1.900 2.120 ? 18.700 ? ? ? ? 287 92.300 ? ? ? ? 0.049 ? ? ? ? ? ? ? ? 3.282 ? ? ? ? 0.059 ? ? 16 1 0.995 ? ? 
2.120 2.450 ? 19.380 ? ? ? ? 232 87.900 ? ? ? ? 0.050 ? ? ? ? ? ? ? ? 3.220 ? ? ? ? 0.059 ? ? 17 1 0.996 ? ? 
2.450 3.000 ? 20.680 ? ? ? ? 188 87.400 ? ? ? ? 0.042 ? ? ? ? ? ? ? ? 3.213 ? ? ? ? 0.050 ? ? 18 1 0.999 ? ? 
3.000 4.250 ? 21.140 ? ? ? ? 151 83.000 ? ? ? ? 0.044 ? ? ? ? ? ? ? ? 3.066 ? ? ? ? 0.052 ? ? 19 1 0.995 ? ? 
4.250 21.41 ? 23.320 ? ? ? ? 78  82.100 ? ? ? ? 0.049 ? ? ? ? ? ? ? ? 3.667 ? ? ? ? 0.057 ? ? 20 1 0.996 ? ? 
# 
_refine.aniso_B[1][1]                            0.380 
_refine.aniso_B[1][2]                            0.190 
_refine.aniso_B[1][3]                            -0.000 
_refine.aniso_B[2][2]                            0.380 
_refine.aniso_B[2][3]                            0.000 
_refine.aniso_B[3][3]                            -1.234 
_refine.B_iso_max                                ? 
_refine.B_iso_mean                               13.336 
_refine.B_iso_min                                ? 
_refine.correlation_coeff_Fo_to_Fc               0.977 
_refine.correlation_coeff_Fo_to_Fc_free          0.981 
_refine.details                                  'Hydrogens have been used if present in the input file' 
_refine.diff_density_max                         ? 
_refine.diff_density_max_esd                     ? 
_refine.diff_density_min                         ? 
_refine.diff_density_min_esd                     ? 
_refine.diff_density_rms                         ? 
_refine.diff_density_rms_esd                     ? 
_refine.entry_id                                 6UGB 
_refine.pdbx_refine_id                           'X-RAY DIFFRACTION' 
_refine.ls_abs_structure_details                 ? 
_refine.ls_abs_structure_Flack                   ? 
_refine.ls_abs_structure_Flack_esd               ? 
_refine.ls_abs_structure_Rogers                  ? 
_refine.ls_abs_structure_Rogers_esd              ? 
_refine.ls_d_res_high                            0.950 
_refine.ls_d_res_low                             21.408 
_refine.ls_extinction_coef                       ? 
_refine.ls_extinction_coef_esd                   ? 
_refine.ls_extinction_expression                 ? 
_refine.ls_extinction_method                     ? 
_refine.ls_goodness_of_fit_all                   ? 
_refine.ls_goodness_of_fit_all_esd               ? 
_refine.ls_goodness_of_fit_obs                   ? 
_refine.ls_goodness_of_fit_obs_esd               ? 
_refine.ls_hydrogen_treatment                    ? 
_refine.ls_matrix_type                           ? 
_refine.ls_number_constraints                    ? 
_refine.ls_number_parameters                     ? 
_refine.ls_number_reflns_all                     ? 
_refine.ls_number_reflns_obs                     7956 
_refine.ls_number_reflns_R_free                  834 
_refine.ls_number_reflns_R_work                  7122 
_refine.ls_number_restraints                     ? 
_refine.ls_percent_reflns_obs                    94.265 
_refine.ls_percent_reflns_R_free                 10.483 
_refine.ls_R_factor_all                          0.160 
_refine.ls_R_factor_obs                          ? 
_refine.ls_R_factor_R_free                       0.1618 
_refine.ls_R_factor_R_free_error                 ? 
_refine.ls_R_factor_R_free_error_details         ? 
_refine.ls_R_factor_R_work                       0.1593 
_refine.ls_R_Fsqd_factor_obs                     ? 
_refine.ls_R_I_factor_obs                        ? 
_refine.ls_redundancy_reflns_all                 ? 
_refine.ls_redundancy_reflns_obs                 ? 
_refine.ls_restrained_S_all                      ? 
_refine.ls_restrained_S_obs                      ? 
_refine.ls_shift_over_esd_max                    ? 
_refine.ls_shift_over_esd_mean                   ? 
_refine.ls_structure_factor_coef                 ? 
_refine.ls_weighting_details                     ? 
_refine.ls_weighting_scheme                      ? 
_refine.ls_wR_factor_all                         ? 
_refine.ls_wR_factor_obs                         ? 
_refine.ls_wR_factor_R_free                      0.176 
_refine.ls_wR_factor_R_work                      0.160 
_refine.occupancy_max                            ? 
_refine.occupancy_min                            ? 
_refine.solvent_model_details                    'MASK BULK SOLVENT' 
_refine.solvent_model_param_bsol                 ? 
_refine.solvent_model_param_ksol                 ? 
_refine.pdbx_R_complete                          ? 
_refine.ls_R_factor_gt                           ? 
_refine.ls_goodness_of_fit_gt                    ? 
_refine.ls_goodness_of_fit_ref                   ? 
_refine.ls_shift_over_su_max                     ? 
_refine.ls_shift_over_su_max_lt                  ? 
_refine.ls_shift_over_su_mean                    ? 
_refine.ls_shift_over_su_mean_lt                 ? 
_refine.pdbx_ls_sigma_I                          ? 
_refine.pdbx_ls_sigma_F                          ? 
_refine.pdbx_ls_sigma_Fsqd                       ? 
_refine.pdbx_data_cutoff_high_absF               ? 
_refine.pdbx_data_cutoff_high_rms_absF           ? 
_refine.pdbx_data_cutoff_low_absF                ? 
_refine.pdbx_isotropic_thermal_model             ? 
_refine.pdbx_ls_cross_valid_method               'FREE R-VALUE' 
_refine.pdbx_method_to_determine_struct          'AB INITIO PHASING' 
_refine.pdbx_starting_model                      ? 
_refine.pdbx_stereochemistry_target_values       ? 
_refine.pdbx_R_Free_selection_details            ? 
_refine.pdbx_stereochem_target_val_spec_case     ? 
_refine.pdbx_overall_ESU_R                       0.017 
_refine.pdbx_overall_ESU_R_Free                  0.017 
_refine.pdbx_solvent_vdw_probe_radii             1.200 
_refine.pdbx_solvent_ion_probe_radii             0.800 
_refine.pdbx_solvent_shrinkage_radii             0.800 
_refine.pdbx_real_space_R                        ? 
_refine.pdbx_density_correlation                 ? 
_refine.pdbx_pd_number_of_powder_patterns        ? 
_refine.pdbx_pd_number_of_points                 ? 
_refine.pdbx_pd_meas_number_of_points            ? 
_refine.pdbx_pd_proc_ls_prof_R_factor            ? 
_refine.pdbx_pd_proc_ls_prof_wR_factor           ? 
_refine.pdbx_pd_Marquardt_correlation_coeff      ? 
_refine.pdbx_pd_Fsqrd_R_factor                   ? 
_refine.pdbx_pd_ls_matrix_band_width             ? 
_refine.pdbx_overall_phase_error                 ? 
_refine.pdbx_overall_SU_R_free_Cruickshank_DPI   ? 
_refine.pdbx_overall_SU_R_free_Blow_DPI          ? 
_refine.pdbx_overall_SU_R_Blow_DPI               ? 
_refine.pdbx_TLS_residual_ADP_flag               ? 
_refine.pdbx_diffrn_id                           1 
_refine.overall_SU_B                             0.287 
_refine.overall_SU_ML                            0.007 
_refine.overall_SU_R_Cruickshank_DPI             ? 
_refine.overall_SU_R_free                        ? 
_refine.overall_FOM_free_R_set                   ? 
_refine.overall_FOM_work_R_set                   ? 
_refine.pdbx_average_fsc_overall                 ? 
_refine.pdbx_average_fsc_work                    0.9691 
_refine.pdbx_average_fsc_free                    0.9691 
# 
_refine_hist.pdbx_refine_id                   'X-RAY DIFFRACTION' 
_refine_hist.cycle_id                         LAST 
_refine_hist.details                          ? 
_refine_hist.d_res_high                       0.950 
_refine_hist.d_res_low                        21.408 
_refine_hist.number_atoms_solvent             8 
_refine_hist.number_atoms_total               66 
_refine_hist.number_reflns_all                ? 
_refine_hist.number_reflns_obs                ? 
_refine_hist.number_reflns_R_free             ? 
_refine_hist.number_reflns_R_work             ? 
_refine_hist.R_factor_all                     ? 
_refine_hist.R_factor_obs                     ? 
_refine_hist.R_factor_R_free                  ? 
_refine_hist.R_factor_R_work                  ? 
_refine_hist.pdbx_number_residues_total       ? 
_refine_hist.pdbx_B_iso_mean_ligand           ? 
_refine_hist.pdbx_B_iso_mean_solvent          ? 
_refine_hist.pdbx_number_atoms_protein        52 
_refine_hist.pdbx_number_atoms_nucleic_acid   0 
_refine_hist.pdbx_number_atoms_ligand         6 
_refine_hist.pdbx_number_atoms_lipid          ? 
_refine_hist.pdbx_number_atoms_carb           ? 
_refine_hist.pdbx_pseudo_atom_details         ? 
# 
loop_
_refine_ls_restr.pdbx_refine_id 
_refine_ls_restr.criterion 
_refine_ls_restr.dev_ideal 
_refine_ls_restr.dev_ideal_target 
_refine_ls_restr.number 
_refine_ls_restr.rejects 
_refine_ls_restr.type 
_refine_ls_restr.weight 
_refine_ls_restr.pdbx_restraint_function 
'X-RAY DIFFRACTION' ? 0.006  0.013  59  ? r_bond_refined_d               ? ? 
'X-RAY DIFFRACTION' ? 0.001  0.017  59  ? r_bond_other_d                 ? ? 
'X-RAY DIFFRACTION' ? 1.880  1.847  75  ? r_angle_refined_deg            ? ? 
'X-RAY DIFFRACTION' ? 0.447  1.626  136 ? r_angle_other_deg              ? ? 
'X-RAY DIFFRACTION' ? 7.747  5.000  4   ? r_dihedral_angle_1_deg         ? ? 
'X-RAY DIFFRACTION' ? 6.423  15.000 8   ? r_dihedral_angle_2_deg         ? ? 
'X-RAY DIFFRACTION' ? 12.844 15.000 11  ? r_dihedral_angle_3_deg         ? ? 
'X-RAY DIFFRACTION' ? 18.716 15.000 3   ? r_dihedral_angle_4_deg         ? ? 
'X-RAY DIFFRACTION' ? 0.106  0.200  7   ? r_chiral_restr                 ? ? 
'X-RAY DIFFRACTION' ? 0.006  0.020  54  ? r_gen_planes_refined           ? ? 
'X-RAY DIFFRACTION' ? 0.001  0.020  19  ? r_gen_planes_other             ? ? 
'X-RAY DIFFRACTION' ? 0.452  0.200  9   ? r_nbd_refined                  ? ? 
'X-RAY DIFFRACTION' ? 0.229  0.200  29  ? r_symmetry_nbd_other           ? ? 
'X-RAY DIFFRACTION' ? 0.140  0.200  17  ? r_nbtor_refined                ? ? 
'X-RAY DIFFRACTION' ? 0.092  0.200  19  ? r_symmetry_nbtor_other         ? ? 
'X-RAY DIFFRACTION' ? 0.115  0.200  5   ? r_metal_ion_refined            ? ? 
'X-RAY DIFFRACTION' ? 0.745  0.200  32  ? r_symmetry_nbd_refined         ? ? 
'X-RAY DIFFRACTION' ? 0.172  0.200  39  ? r_nbd_other                    ? ? 
'X-RAY DIFFRACTION' ? 0.464  0.200  3   ? r_symmetry_xyhbond_nbd_refined ? ? 
'X-RAY DIFFRACTION' ? 0.033  0.200  5   ? r_symmetry_metal_ion_refined   ? ? 
'X-RAY DIFFRACTION' ? 0.909  1.021  22  ? r_mcbond_it                    ? ? 
'X-RAY DIFFRACTION' ? 0.907  1.031  21  ? r_mcbond_other                 ? ? 
'X-RAY DIFFRACTION' ? 1.286  1.566  24  ? r_mcangle_it                   ? ? 
'X-RAY DIFFRACTION' ? 1.260  1.549  25  ? r_mcangle_other                ? ? 
'X-RAY DIFFRACTION' ? 2.123  1.276  37  ? r_scbond_it                    ? ? 
'X-RAY DIFFRACTION' ? 2.177  1.303  35  ? r_scbond_other                 ? ? 
'X-RAY DIFFRACTION' ? 2.511  1.842  51  ? r_scangle_it                   ? ? 
'X-RAY DIFFRACTION' ? 2.511  1.839  51  ? r_scangle_other                ? ? 
'X-RAY DIFFRACTION' ? 1.703  9.958  54  ? r_lrange_it                    ? ? 
'X-RAY DIFFRACTION' ? 1.809  9.477  46  ? r_lrange_other                 ? ? 
'X-RAY DIFFRACTION' ? 0.865  3.000  118 ? r_rigid_bond_restr             ? ? 
# 
loop_
_refine_ls_shell.pdbx_refine_id 
_refine_ls_shell.d_res_high 
_refine_ls_shell.d_res_low 
_refine_ls_shell.number_reflns_all 
_refine_ls_shell.number_reflns_obs 
_refine_ls_shell.number_reflns_R_free 
_refine_ls_shell.number_reflns_R_work 
_refine_ls_shell.percent_reflns_obs 
_refine_ls_shell.percent_reflns_R_free 
_refine_ls_shell.R_factor_all 
_refine_ls_shell.R_factor_obs 
_refine_ls_shell.R_factor_R_free 
_refine_ls_shell.R_factor_R_free_error 
_refine_ls_shell.R_factor_R_work 
_refine_ls_shell.redundancy_reflns_all 
_refine_ls_shell.redundancy_reflns_obs 
_refine_ls_shell.wR_factor_all 
_refine_ls_shell.wR_factor_obs 
_refine_ls_shell.wR_factor_R_free 
_refine_ls_shell.wR_factor_R_work 
_refine_ls_shell.pdbx_R_complete 
_refine_ls_shell.pdbx_total_number_of_bins_used 
_refine_ls_shell.pdbx_phase_error 
_refine_ls_shell.pdbx_fsc_work 
_refine_ls_shell.pdbx_fsc_free 
'X-RAY DIFFRACTION' 0.950 0.975  591 . 62 517 97.9695 . 0.571 . 0.605 . 0.567 . . . . . 0.515 . 20 . 0.857 0.868 
'X-RAY DIFFRACTION' 0.975 1.001  623 . 84 517 96.4687 . 0.526 . 0.486 . 0.533 . . . . . 0.461 . 20 . 0.892 0.923 
'X-RAY DIFFRACTION' 1.001 1.030  584 . 48 504 94.5205 . 0.363 . 0.349 . 0.364 . . . . . 0.294 . 20 . 0.945 0.946 
'X-RAY DIFFRACTION' 1.030 1.062  579 . 66 505 98.6183 . 0.244 . 0.239 . 0.244 . . . . . 0.189 . 20 . 0.970 0.973 
'X-RAY DIFFRACTION' 1.062 1.097  558 . 66 474 96.7742 . 0.187 . 0.174 . 0.188 . . . . . 0.152 . 20 . 0.983 0.984 
'X-RAY DIFFRACTION' 1.097 1.135  536 . 45 475 97.0149 . 0.168 . 0.163 . 0.168 . . . . . 0.144 . 20 . 0.988 0.982 
'X-RAY DIFFRACTION' 1.135 1.178  537 . 47 471 96.4618 . 0.164 . 0.181 . 0.162 . . . . . 0.141 . 20 . 0.990 0.983 
'X-RAY DIFFRACTION' 1.178 1.226  492 . 39 423 93.9024 . 0.149 . 0.179 . 0.147 . . . . . 0.129 . 20 . 0.991 0.982 
'X-RAY DIFFRACTION' 1.226 1.280  470 . 48 400 95.3192 . 0.136 . 0.159 . 0.133 . . . . . 0.118 . 20 . 0.992 0.990 
'X-RAY DIFFRACTION' 1.280 1.342  456 . 31 406 95.8333 . 0.119 . 0.110 . 0.120 . . . . . 0.108 . 20 . 0.993 0.992 
'X-RAY DIFFRACTION' 1.342 1.414  444 . 37 380 93.9189 . 0.091 . 0.118 . 0.089 . . . . . 0.085 . 20 . 0.995 0.993 
'X-RAY DIFFRACTION' 1.414 1.500  417 . 49 341 93.5252 . 0.087 . 0.077 . 0.089 . . . . . 0.090 . 20 . 0.996 0.997 
'X-RAY DIFFRACTION' 1.500 1.603  383 . 40 316 92.9504 . 0.085 . 0.101 . 0.083 . . . . . 0.089 . 20 . 0.996 0.994 
'X-RAY DIFFRACTION' 1.603 1.730  358 . 17 298 87.9888 . 0.108 . 0.139 . 0.106 . . . . . 0.120 . 20 . 0.994 0.992 
'X-RAY DIFFRACTION' 1.730 1.894  345 . 48 266 91.0145 . 0.109 . 0.116 . 0.107 . . . . . 0.135 . 20 . 0.994 0.993 
'X-RAY DIFFRACTION' 1.894 2.116  299 . 27 248 91.9732 . 0.129 . 0.104 . 0.133 . . . . . 0.175 . 20 . 0.991 0.994 
'X-RAY DIFFRACTION' 2.116 2.439  275 . 40 204 88.7273 . 0.143 . 0.180 . 0.136 . . . . . 0.181 . 20 . 0.990 0.981 
'X-RAY DIFFRACTION' 2.439 2.978  212 . 22 162 86.7924 . 0.138 . 0.098 . 0.147 . . . . . 0.222 . 20 . 0.988 0.996 
'X-RAY DIFFRACTION' 2.978 4.171  176 . 8  139 83.5227 . 0.176 . 0.189 . 0.176 . . . . . 0.250 . 20 . 0.982 0.985 
'X-RAY DIFFRACTION' 4.171 21.408 105 . 10 76  81.9048 . 0.273 . 0.334 . 0.266 . . . . . 0.428 . 20 . 0.962 0.958 
# 
_struct.entry_id                     6UGB 
_struct.title                        'C3 symmetric peptide design number 2, Baby Basil' 
_struct.pdbx_model_details           'S2 symmetric cyclic peptide' 
_struct.pdbx_formula_weight          ? 
_struct.pdbx_formula_weight_method   ? 
_struct.pdbx_model_type_details      ? 
_struct.pdbx_CASP_flag               N 
# 
_struct_keywords.entry_id        6UGB 
_struct_keywords.text            'cyclic peptide, 3-fold symmetric, racemic mixture, DE NOVO PROTEIN' 
_struct_keywords.pdbx_keywords   'DE NOVO PROTEIN' 
# 
loop_
_struct_asym.id 
_struct_asym.pdbx_blank_PDB_chainid_flag 
_struct_asym.pdbx_modified 
_struct_asym.entity_id 
_struct_asym.details 
A N N 1 ? 
B N N 1 ? 
C N N 2 ? 
D N N 2 ? 
E N N 3 ? 
F N N 4 ? 
G N N 4 ? 
H N N 2 ? 
I N N 5 ? 
J N N 5 ? 
# 
_struct_ref.id                         1 
_struct_ref.db_name                    PDB 
_struct_ref.db_code                    6UGB 
_struct_ref.pdbx_db_accession          6UGB 
_struct_ref.pdbx_db_isoform            ? 
_struct_ref.entity_id                  1 
_struct_ref.pdbx_seq_one_letter_code   ? 
_struct_ref.pdbx_align_begin           1 
# 
loop_
_struct_ref_seq.align_id 
_struct_ref_seq.ref_id 
_struct_ref_seq.pdbx_PDB_id_code 
_struct_ref_seq.pdbx_strand_id 
_struct_ref_seq.seq_align_beg 
_struct_ref_seq.pdbx_seq_align_beg_ins_code 
_struct_ref_seq.seq_align_end 
_struct_ref_seq.pdbx_seq_align_end_ins_code 
_struct_ref_seq.pdbx_db_accession 
_struct_ref_seq.db_align_beg 
_struct_ref_seq.pdbx_db_align_beg_ins_code 
_struct_ref_seq.db_align_end 
_struct_ref_seq.pdbx_db_align_end_ins_code 
_struct_ref_seq.pdbx_auth_seq_align_beg 
_struct_ref_seq.pdbx_auth_seq_align_end 
1 1 6UGB A 1 ? 3 ? 6UGB 1 ? 3 ? 1 3 
2 1 6UGB B 1 ? 3 ? 6UGB 1 ? 3 ? 1 3 
# 
loop_
_pdbx_struct_assembly.id 
_pdbx_struct_assembly.details 
_pdbx_struct_assembly.method_details 
_pdbx_struct_assembly.oligomeric_details 
_pdbx_struct_assembly.oligomeric_count 
1 author_defined_assembly ? trimeric 3 
2 author_defined_assembly ? trimeric 3 
# 
loop_
_pdbx_struct_assembly_gen.assembly_id 
_pdbx_struct_assembly_gen.oper_expression 
_pdbx_struct_assembly_gen.asym_id_list 
1 1,2,3 A,C,D,I     
2 1,2,3 B,E,F,G,H,J 
# 
loop_
_pdbx_struct_assembly_auth_evidence.id 
_pdbx_struct_assembly_auth_evidence.assembly_id 
_pdbx_struct_assembly_auth_evidence.experimental_support 
_pdbx_struct_assembly_auth_evidence.details 
1 1 none ? 
2 2 none ? 
# 
loop_
_pdbx_struct_oper_list.id 
_pdbx_struct_oper_list.type 
_pdbx_struct_oper_list.name 
_pdbx_struct_oper_list.symmetry_operation 
_pdbx_struct_oper_list.matrix[1][1] 
_pdbx_struct_oper_list.matrix[1][2] 
_pdbx_struct_oper_list.matrix[1][3] 
_pdbx_struct_oper_list.vector[1] 
_pdbx_struct_oper_list.matrix[2][1] 
_pdbx_struct_oper_list.matrix[2][2] 
_pdbx_struct_oper_list.matrix[2][3] 
_pdbx_struct_oper_list.vector[2] 
_pdbx_struct_oper_list.matrix[3][1] 
_pdbx_struct_oper_list.matrix[3][2] 
_pdbx_struct_oper_list.matrix[3][3] 
_pdbx_struct_oper_list.vector[3] 
1 'identity operation'         1_555 x,y,z        1.0000000000  0.0000000000  0.0000000000  0.0000000000  0.0000000000  1.0000000000 0.0000000000 0.0000000000  0.0000000000  0.0000000000 1.0000000000 0.0000000000 
2 'crystal symmetry operation' 2_665 -y+1,x-y+1,z -0.4887213673 0.6867545951  -0.5380702104 1.9344694532  -0.4983945209 0.2864321538 0.8182661687 -4.1969874779 0.7160686606  0.6680754055 0.2022892135 4.1961518819 
3 'crystal symmetry operation' 3_565 -x+y,-x+1,z  -0.4887213673 -0.4983945209 0.7160686606  -4.1510718643 0.6867545951  0.2864321538 0.6680754055 -2.9296994934 -0.5380702104 0.8182661687 0.2022892135 3.6262969850 
# 
loop_
_struct_conn.id 
_struct_conn.conn_type_id 
_struct_conn.pdbx_leaving_atom_flag 
_struct_conn.pdbx_PDB_id 
_struct_conn.ptnr1_label_asym_id 
_struct_conn.ptnr1_label_comp_id 
_struct_conn.ptnr1_label_seq_id 
_struct_conn.ptnr1_label_atom_id 
_struct_conn.pdbx_ptnr1_label_alt_id 
_struct_conn.pdbx_ptnr1_PDB_ins_code 
_struct_conn.pdbx_ptnr1_standard_comp_id 
_struct_conn.ptnr1_symmetry 
_struct_conn.ptnr2_label_asym_id 
_struct_conn.ptnr2_label_comp_id 
_struct_conn.ptnr2_label_seq_id 
_struct_conn.ptnr2_label_atom_id 
_struct_conn.pdbx_ptnr2_label_alt_id 
_struct_conn.pdbx_ptnr2_PDB_ins_code 
_struct_conn.ptnr1_auth_asym_id 
_struct_conn.ptnr1_auth_comp_id 
_struct_conn.ptnr1_auth_seq_id 
_struct_conn.ptnr2_auth_asym_id 
_struct_conn.ptnr2_auth_comp_id 
_struct_conn.ptnr2_auth_seq_id 
_struct_conn.ptnr2_symmetry 
_struct_conn.pdbx_ptnr3_label_atom_id 
_struct_conn.pdbx_ptnr3_label_seq_id 
_struct_conn.pdbx_ptnr3_label_comp_id 
_struct_conn.pdbx_ptnr3_label_asym_id 
_struct_conn.pdbx_ptnr3_label_alt_id 
_struct_conn.pdbx_ptnr3_PDB_ins_code 
_struct_conn.details 
_struct_conn.pdbx_dist_value 
_struct_conn.pdbx_value_order 
_struct_conn.pdbx_role 
covale1  covale both ? A PRO 1 N   ? ? ? 1_555 A ASP 3 C   ? ? A PRO 1   A ASP 3   2_665 ? ? ? ? ? ? ? 1.339 sing ? 
covale2  covale both ? B PRO 1 N   ? ? ? 1_555 B ASP 3 C   ? ? B PRO 1   B ASP 3   3_565 ? ? ? ? ? ? ? 1.339 sing ? 
metalc1  metalc ?    ? A ASP 3 O   ? ? ? 1_555 C NA  . NA  ? ? A ASP 3   A NA  101 1_555 ? ? ? ? ? ? ? 2.367 ?    ? 
metalc2  metalc ?    ? A ASP 3 O   ? ? ? 1_555 C NA  . NA  ? ? A ASP 3   A NA  101 2_665 ? ? ? ? ? ? ? 2.367 ?    ? 
metalc3  metalc ?    ? A ASP 3 OD2 ? ? ? 1_555 D NA  . NA  ? ? A ASP 3   A NA  102 1_555 ? ? ? ? ? ? ? 2.432 ?    ? 
metalc4  metalc ?    ? A ASP 3 OD2 ? ? ? 1_555 D NA  . NA  ? ? A ASP 3   A NA  102 2_665 ? ? ? ? ? ? ? 2.432 ?    ? 
metalc5  metalc ?    ? A ASP 3 OD2 ? ? ? 1_555 E ZN  . ZN  ? ? A ASP 3   B ZN  101 2_665 ? ? ? ? ? ? ? 1.980 ?    ? 
metalc6  metalc ?    ? C NA  . NA  ? ? ? 1_555 I HOH . O   ? ? A NA  101 A HOH 202 1_555 ? ? ? ? ? ? ? 2.425 ?    ? 
metalc7  metalc ?    ? C NA  . NA  ? ? ? 1_555 I HOH . O   ? ? A NA  101 A HOH 202 3_565 ? ? ? ? ? ? ? 2.426 ?    ? 
metalc8  metalc ?    ? D NA  . NA  ? ? ? 1_555 B ASP 3 OD2 ? ? A NA  102 B ASP 3   1_555 ? ? ? ? ? ? ? 2.438 ?    ? 
metalc9  metalc ?    ? D NA  . NA  ? ? ? 2_665 B ASP 3 OD2 ? ? A NA  102 B ASP 3   1_555 ? ? ? ? ? ? ? 2.438 ?    ? 
metalc10 metalc ?    ? B ASP 3 OD2 ? ? ? 1_555 E ZN  . ZN  ? ? B ASP 3   B ZN  101 1_555 ? ? ? ? ? ? ? 1.985 ?    ? 
metalc11 metalc ?    ? B ASP 3 O   ? ? ? 1_555 H NA  . NA  ? ? B ASP 3   B NA  104 1_555 ? ? ? ? ? ? ? 2.400 ?    ? 
metalc12 metalc ?    ? B ASP 3 O   ? ? ? 1_555 H NA  . NA  ? ? B ASP 3   B NA  104 2_665 ? ? ? ? ? ? ? 2.400 ?    ? 
metalc13 metalc ?    ? H NA  . NA  ? ? ? 1_555 J HOH . O   ? ? B NA  104 B HOH 201 1_555 ? ? ? ? ? ? ? 2.428 ?    ? 
metalc14 metalc ?    ? H NA  . NA  ? ? ? 1_555 J HOH . O   ? ? B NA  104 B HOH 201 2_665 ? ? ? ? ? ? ? 2.428 ?    ? 
# 
loop_
_struct_conn_type.id 
_struct_conn_type.criteria 
_struct_conn_type.reference 
covale ? ? 
metalc ? ? 
# 
loop_
_pdbx_struct_conn_angle.id 
_pdbx_struct_conn_angle.ptnr1_label_atom_id 
_pdbx_struct_conn_angle.ptnr1_label_alt_id 
_pdbx_struct_conn_angle.ptnr1_label_asym_id 
_pdbx_struct_conn_angle.ptnr1_label_comp_id 
_pdbx_struct_conn_angle.ptnr1_label_seq_id 
_pdbx_struct_conn_angle.ptnr1_auth_atom_id 
_pdbx_struct_conn_angle.ptnr1_auth_asym_id 
_pdbx_struct_conn_angle.ptnr1_auth_comp_id 
_pdbx_struct_conn_angle.ptnr1_auth_seq_id 
_pdbx_struct_conn_angle.ptnr1_PDB_ins_code 
_pdbx_struct_conn_angle.ptnr1_symmetry 
_pdbx_struct_conn_angle.ptnr2_label_atom_id 
_pdbx_struct_conn_angle.ptnr2_label_alt_id 
_pdbx_struct_conn_angle.ptnr2_label_asym_id 
_pdbx_struct_conn_angle.ptnr2_label_comp_id 
_pdbx_struct_conn_angle.ptnr2_label_seq_id 
_pdbx_struct_conn_angle.ptnr2_auth_atom_id 
_pdbx_struct_conn_angle.ptnr2_auth_asym_id 
_pdbx_struct_conn_angle.ptnr2_auth_comp_id 
_pdbx_struct_conn_angle.ptnr2_auth_seq_id 
_pdbx_struct_conn_angle.ptnr2_PDB_ins_code 
_pdbx_struct_conn_angle.ptnr2_symmetry 
_pdbx_struct_conn_angle.ptnr3_label_atom_id 
_pdbx_struct_conn_angle.ptnr3_label_alt_id 
_pdbx_struct_conn_angle.ptnr3_label_asym_id 
_pdbx_struct_conn_angle.ptnr3_label_comp_id 
_pdbx_struct_conn_angle.ptnr3_label_seq_id 
_pdbx_struct_conn_angle.ptnr3_auth_atom_id 
_pdbx_struct_conn_angle.ptnr3_auth_asym_id 
_pdbx_struct_conn_angle.ptnr3_auth_comp_id 
_pdbx_struct_conn_angle.ptnr3_auth_seq_id 
_pdbx_struct_conn_angle.ptnr3_PDB_ins_code 
_pdbx_struct_conn_angle.ptnr3_symmetry 
_pdbx_struct_conn_angle.value 
_pdbx_struct_conn_angle.value_esd 
1  O   ? A ASP 3 ? A ASP 3   ? 1_555 NA ? C NA . ? A NA 101 ? 1_555 O   ? A ASP 3 ? A ASP 3   ? 1_555 0.0   ? 
2  O   ? A ASP 3 ? A ASP 3   ? 1_555 NA ? C NA . ? A NA 101 ? 1_555 O   ? I HOH . ? A HOH 202 ? 1_555 94.2  ? 
3  O   ? A ASP 3 ? A ASP 3   ? 1_555 NA ? C NA . ? A NA 101 ? 1_555 O   ? I HOH . ? A HOH 202 ? 1_555 94.2  ? 
4  O   ? A ASP 3 ? A ASP 3   ? 1_555 NA ? C NA . ? A NA 101 ? 1_555 O   ? I HOH . ? A HOH 202 ? 3_565 93.6  ? 
5  O   ? A ASP 3 ? A ASP 3   ? 1_555 NA ? C NA . ? A NA 101 ? 1_555 O   ? I HOH . ? A HOH 202 ? 3_565 93.6  ? 
6  O   ? I HOH . ? A HOH 202 ? 1_555 NA ? C NA . ? A NA 101 ? 1_555 O   ? I HOH . ? A HOH 202 ? 3_565 85.9  ? 
7  OD2 ? A ASP 3 ? A ASP 3   ? 1_555 NA ? D NA . ? A NA 102 ? 1_555 OD2 ? A ASP 3 ? A ASP 3   ? 1_555 0.0   ? 
8  OD2 ? A ASP 3 ? A ASP 3   ? 1_555 NA ? D NA . ? A NA 102 ? 1_555 OD2 ? B ASP 3 ? B ASP 3   ? 1_555 166.0 ? 
9  OD2 ? A ASP 3 ? A ASP 3   ? 1_555 NA ? D NA . ? A NA 102 ? 1_555 OD2 ? B ASP 3 ? B ASP 3   ? 1_555 166.0 ? 
10 OD2 ? A ASP 3 ? A ASP 3   ? 1_555 NA ? D NA . ? A NA 102 ? 1_555 OD2 ? B ASP 3 ? B ASP 3   ? 1_555 166.0 ? 
11 OD2 ? A ASP 3 ? A ASP 3   ? 1_555 NA ? D NA . ? A NA 102 ? 1_555 OD2 ? B ASP 3 ? B ASP 3   ? 1_555 166.0 ? 
12 OD2 ? B ASP 3 ? B ASP 3   ? 1_555 NA ? D NA . ? A NA 102 ? 1_555 OD2 ? B ASP 3 ? B ASP 3   ? 1_555 0.0   ? 
13 OD2 ? A ASP 3 ? A ASP 3   ? 1_555 ZN ? E ZN . ? B ZN 101 ? 2_665 OD2 ? B ASP 3 ? B ASP 3   ? 1_555 64.2  ? 
14 O   ? B ASP 3 ? B ASP 3   ? 1_555 NA ? H NA . ? B NA 104 ? 1_555 O   ? B ASP 3 ? B ASP 3   ? 1_555 0.0   ? 
15 O   ? B ASP 3 ? B ASP 3   ? 1_555 NA ? H NA . ? B NA 104 ? 1_555 O   ? J HOH . ? B HOH 201 ? 1_555 96.6  ? 
16 O   ? B ASP 3 ? B ASP 3   ? 1_555 NA ? H NA . ? B NA 104 ? 1_555 O   ? J HOH . ? B HOH 201 ? 1_555 96.6  ? 
17 O   ? B ASP 3 ? B ASP 3   ? 1_555 NA ? H NA . ? B NA 104 ? 1_555 O   ? J HOH . ? B HOH 201 ? 2_665 89.8  ? 
18 O   ? B ASP 3 ? B ASP 3   ? 1_555 NA ? H NA . ? B NA 104 ? 1_555 O   ? J HOH . ? B HOH 201 ? 2_665 89.8  ? 
19 O   ? J HOH . ? B HOH 201 ? 1_555 NA ? H NA . ? B NA 104 ? 1_555 O   ? J HOH . ? B HOH 201 ? 2_665 83.4  ? 
# 
loop_
_pdbx_modification_feature.ordinal 
_pdbx_modification_feature.label_comp_id 
_pdbx_modification_feature.label_asym_id 
_pdbx_modification_feature.label_seq_id 
_pdbx_modification_feature.label_alt_id 
_pdbx_modification_feature.modified_residue_label_comp_id 
_pdbx_modification_feature.modified_residue_label_asym_id 
_pdbx_modification_feature.modified_residue_label_seq_id 
_pdbx_modification_feature.modified_residue_label_alt_id 
_pdbx_modification_feature.auth_comp_id 
_pdbx_modification_feature.auth_asym_id 
_pdbx_modification_feature.auth_seq_id 
_pdbx_modification_feature.PDB_ins_code 
_pdbx_modification_feature.symmetry 
_pdbx_modification_feature.modified_residue_auth_comp_id 
_pdbx_modification_feature.modified_residue_auth_asym_id 
_pdbx_modification_feature.modified_residue_auth_seq_id 
_pdbx_modification_feature.modified_residue_PDB_ins_code 
_pdbx_modification_feature.modified_residue_symmetry 
_pdbx_modification_feature.comp_id_linking_atom 
_pdbx_modification_feature.modified_residue_id_linking_atom 
_pdbx_modification_feature.modified_residue_id 
_pdbx_modification_feature.ref_pcm_id 
_pdbx_modification_feature.ref_comp_id 
_pdbx_modification_feature.type 
_pdbx_modification_feature.category 
1 PRO A 1 ? ASP A 3 ? PRO A 1 ? 1_555 ASP A 3 ? 2_665 N C . . . None 'Non-standard linkage' 
2 PRO B 1 ? ASP B 3 ? PRO B 1 ? 1_555 ASP B 3 ? 3_565 N C . . . None 'Non-standard linkage' 
# 
_pdbx_entry_details.entry_id                   6UGB 
_pdbx_entry_details.nonpolymer_details         ? 
_pdbx_entry_details.sequence_details           ? 
_pdbx_entry_details.compound_details           ? 
_pdbx_entry_details.source_details             ? 
_pdbx_entry_details.has_ligand_of_interest     N 
_pdbx_entry_details.has_protein_modification   Y 
# 
loop_
_pdbx_struct_special_symmetry.id 
_pdbx_struct_special_symmetry.PDB_model_num 
_pdbx_struct_special_symmetry.auth_asym_id 
_pdbx_struct_special_symmetry.auth_comp_id 
_pdbx_struct_special_symmetry.auth_seq_id 
_pdbx_struct_special_symmetry.PDB_ins_code 
_pdbx_struct_special_symmetry.label_asym_id 
_pdbx_struct_special_symmetry.label_comp_id 
_pdbx_struct_special_symmetry.label_seq_id 
1 1 A NA 101 ? C NA . 
2 1 A NA 102 ? D NA . 
3 1 B NA 104 ? H NA . 
# 
loop_
_chem_comp_atom.comp_id 
_chem_comp_atom.atom_id 
_chem_comp_atom.type_symbol 
_chem_comp_atom.pdbx_aromatic_flag 
_chem_comp_atom.pdbx_stereo_config 
_chem_comp_atom.pdbx_ordinal 
ARG N    N  N N 1  
ARG CA   C  N S 2  
ARG C    C  N N 3  
ARG O    O  N N 4  
ARG CB   C  N N 5  
ARG CG   C  N N 6  
ARG CD   C  N N 7  
ARG NE   N  N N 8  
ARG CZ   C  N N 9  
ARG NH1  N  N N 10 
ARG NH2  N  N N 11 
ARG OXT  O  N N 12 
ARG H    H  N N 13 
ARG H2   H  N N 14 
ARG HA   H  N N 15 
ARG HB2  H  N N 16 
ARG HB3  H  N N 17 
ARG HG2  H  N N 18 
ARG HG3  H  N N 19 
ARG HD2  H  N N 20 
ARG HD3  H  N N 21 
ARG HE   H  N N 22 
ARG HH11 H  N N 23 
ARG HH12 H  N N 24 
ARG HH21 H  N N 25 
ARG HH22 H  N N 26 
ARG HXT  H  N N 27 
ASP N    N  N N 28 
ASP CA   C  N S 29 
ASP C    C  N N 30 
ASP O    O  N N 31 
ASP CB   C  N N 32 
ASP CG   C  N N 33 
ASP OD1  O  N N 34 
ASP OD2  O  N N 35 
ASP OXT  O  N N 36 
ASP H    H  N N 37 
ASP H2   H  N N 38 
ASP HA   H  N N 39 
ASP HB2  H  N N 40 
ASP HB3  H  N N 41 
ASP HD2  H  N N 42 
ASP HXT  H  N N 43 
CL  CL   CL N N 44 
HOH O    O  N N 45 
HOH H1   H  N N 46 
HOH H2   H  N N 47 
NA  NA   NA N N 48 
PRO N    N  N N 49 
PRO CA   C  N S 50 
PRO C    C  N N 51 
PRO O    O  N N 52 
PRO CB   C  N N 53 
PRO CG   C  N N 54 
PRO CD   C  N N 55 
PRO OXT  O  N N 56 
PRO H    H  N N 57 
PRO HA   H  N N 58 
PRO HB2  H  N N 59 
PRO HB3  H  N N 60 
PRO HG2  H  N N 61 
PRO HG3  H  N N 62 
PRO HD2  H  N N 63 
PRO HD3  H  N N 64 
PRO HXT  H  N N 65 
ZN  ZN   ZN N N 66 
# 
loop_
_chem_comp_bond.comp_id 
_chem_comp_bond.atom_id_1 
_chem_comp_bond.atom_id_2 
_chem_comp_bond.value_order 
_chem_comp_bond.pdbx_aromatic_flag 
_chem_comp_bond.pdbx_stereo_config 
_chem_comp_bond.pdbx_ordinal 
ARG N   CA   sing N N 1  
ARG N   H    sing N N 2  
ARG N   H2   sing N N 3  
ARG CA  C    sing N N 4  
ARG CA  CB   sing N N 5  
ARG CA  HA   sing N N 6  
ARG C   O    doub N N 7  
ARG C   OXT  sing N N 8  
ARG CB  CG   sing N N 9  
ARG CB  HB2  sing N N 10 
ARG CB  HB3  sing N N 11 
ARG CG  CD   sing N N 12 
ARG CG  HG2  sing N N 13 
ARG CG  HG3  sing N N 14 
ARG CD  NE   sing N N 15 
ARG CD  HD2  sing N N 16 
ARG CD  HD3  sing N N 17 
ARG NE  CZ   sing N N 18 
ARG NE  HE   sing N N 19 
ARG CZ  NH1  sing N N 20 
ARG CZ  NH2  doub N N 21 
ARG NH1 HH11 sing N N 22 
ARG NH1 HH12 sing N N 23 
ARG NH2 HH21 sing N N 24 
ARG NH2 HH22 sing N N 25 
ARG OXT HXT  sing N N 26 
ASP N   CA   sing N N 27 
ASP N   H    sing N N 28 
ASP N   H2   sing N N 29 
ASP CA  C    sing N N 30 
ASP CA  CB   sing N N 31 
ASP CA  HA   sing N N 32 
ASP C   O    doub N N 33 
ASP C   OXT  sing N N 34 
ASP CB  CG   sing N N 35 
ASP CB  HB2  sing N N 36 
ASP CB  HB3  sing N N 37 
ASP CG  OD1  doub N N 38 
ASP CG  OD2  sing N N 39 
ASP OD2 HD2  sing N N 40 
ASP OXT HXT  sing N N 41 
HOH O   H1   sing N N 42 
HOH O   H2   sing N N 43 
PRO N   CA   sing N N 44 
PRO N   CD   sing N N 45 
PRO N   H    sing N N 46 
PRO CA  C    sing N N 47 
PRO CA  CB   sing N N 48 
PRO CA  HA   sing N N 49 
PRO C   O    doub N N 50 
PRO C   OXT  sing N N 51 
PRO CB  CG   sing N N 52 
PRO CB  HB2  sing N N 53 
PRO CB  HB3  sing N N 54 
PRO CG  CD   sing N N 55 
PRO CG  HG2  sing N N 56 
PRO CG  HG3  sing N N 57 
PRO CD  HD2  sing N N 58 
PRO CD  HD3  sing N N 59 
PRO OXT HXT  sing N N 60 
# 
loop_
_pdbx_audit_support.funding_organization 
_pdbx_audit_support.country 
_pdbx_audit_support.grant_number 
_pdbx_audit_support.ordinal 
'Department of Energy (DOE, United States)' 'United States' DE-FC02-02ER63421 1 
'Department of Energy (DOE, United States)' 'United States' DE-AC02-06CH11357 2 
# 
_atom_sites.entry_id                    6UGB 
_atom_sites.Cartn_transf_matrix[1][1]   ? 
_atom_sites.Cartn_transf_matrix[1][2]   ? 
_atom_sites.Cartn_transf_matrix[1][3]   ? 
_atom_sites.Cartn_transf_matrix[2][1]   ? 
_atom_sites.Cartn_transf_matrix[2][2]   ? 
_atom_sites.Cartn_transf_matrix[2][3]   ? 
_atom_sites.Cartn_transf_matrix[3][1]   ? 
_atom_sites.Cartn_transf_matrix[3][2]   ? 
_atom_sites.Cartn_transf_matrix[3][3]   ? 
_atom_sites.Cartn_transf_vector[1]      ? 
_atom_sites.Cartn_transf_vector[2]      ? 
_atom_sites.Cartn_transf_vector[3]      ? 
_atom_sites.fract_transf_matrix[1][1]   0.04641723 
_atom_sites.fract_transf_matrix[1][2]   -0.00522122 
_atom_sites.fract_transf_matrix[1][3]   -0.00035717 
_atom_sites.fract_transf_matrix[2][1]   0.02033883 
_atom_sites.fract_transf_matrix[2][2]   -0.03014280 
_atom_sites.fract_transf_matrix[2][3]   0.02931998 
_atom_sites.fract_transf_matrix[3][1]   -0.00442634 
_atom_sites.fract_transf_matrix[3][2]   -0.03696126 
_atom_sites.fract_transf_matrix[3][3]   -0.03492803 
_atom_sites.fract_transf_vector[1]      0.356163 
_atom_sites.fract_transf_vector[2]      0.533634 
_atom_sites.fract_transf_vector[3]      0.362010 
_atom_sites.solution_primary            ? 
_atom_sites.solution_secondary          ? 
_atom_sites.solution_hydrogens          ? 
_atom_sites.special_details             ? 
# 
loop_
_atom_type.symbol 
_atom_type.pdbx_scat_Z 
_atom_type.pdbx_N_electrons 
_atom_type.scat_Cromer_Mann_a1 
_atom_type.scat_Cromer_Mann_b1 
_atom_type.scat_Cromer_Mann_a2 
_atom_type.scat_Cromer_Mann_b2 
_atom_type.scat_Cromer_Mann_a3 
_atom_type.scat_Cromer_Mann_b3 
_atom_type.scat_Cromer_Mann_a4 
_atom_type.scat_Cromer_Mann_b4 
_atom_type.scat_Cromer_Mann_c 
C  6  6  2.310  20.844 1.020 10.208 1.589 0.569  0.865 51.651  0.216   
CL 17 17 11.460 0.010  7.196 1.166  6.255 18.519 1.645 47.778  -9.557  
H  1  1  0.493  10.511 0.323 26.126 0.140 3.142  0.041 57.800  0.003   
N  7  7  12.222 0.006  3.135 9.893  2.014 28.997 1.167 0.583   -11.538 
NA 11 11 4.766  3.285  3.176 8.842  1.268 0.314  1.114 129.424 0.676   
O  8  8  3.049  13.277 2.287 5.701  1.546 0.324  0.867 32.909  0.251   
ZN 30 30 14.082 3.266  7.036 0.233  5.165 10.316 2.411 58.710  1.305   
# 
loop_
_atom_site.group_PDB 
_atom_site.id 
_atom_site.type_symbol 
_atom_site.label_atom_id 
_atom_site.label_alt_id 
_atom_site.label_comp_id 
_atom_site.label_asym_id 
_atom_site.label_entity_id 
_atom_site.label_seq_id 
_atom_site.pdbx_PDB_ins_code 
_atom_site.Cartn_x 
_atom_site.Cartn_y 
_atom_site.Cartn_z 
_atom_site.occupancy 
_atom_site.B_iso_or_equiv 
_atom_site.pdbx_formal_charge 
_atom_site.auth_seq_id 
_atom_site.auth_comp_id 
_atom_site.auth_asym_id 
_atom_site.auth_atom_id 
_atom_site.pdbx_PDB_model_num 
ATOM   1   N  N    . PRO A 1 1 ? 2.975  3.335  4.605  1.000 11.392 0 1   PRO A N    1 
ATOM   2   C  CA   . PRO A 1 1 ? 2.557  4.708  4.913  1.000 12.671 0 1   PRO A CA   1 
ATOM   3   C  C    . PRO A 1 1 ? 1.313  5.181  4.163  1.000 12.991 0 1   PRO A C    1 
ATOM   4   O  O    . PRO A 1 1 ? 0.654  6.092  4.643  1.000 18.007 0 1   PRO A O    1 
ATOM   5   C  CB   . PRO A 1 1 ? 3.784  5.558  4.581  1.000 16.665 0 1   PRO A CB   1 
ATOM   6   C  CG   . PRO A 1 1 ? 4.642  4.680  3.723  1.000 20.937 0 1   PRO A CG   1 
ATOM   7   C  CD   . PRO A 1 1 ? 4.366  3.268  4.165  1.000 14.123 0 1   PRO A CD   1 
ATOM   8   H  HA   . PRO A 1 1 ? 2.388  4.773  5.887  1.000 12.850 0 1   PRO A HA   1 
ATOM   9   H  HB2  . PRO A 1 1 ? 3.528  6.371  4.099  1.000 16.133 0 1   PRO A HB2  1 
ATOM   10  H  HB3  . PRO A 1 1 ? 4.259  5.813  5.397  1.000 15.759 0 1   PRO A HB3  1 
ATOM   11  H  HG2  . PRO A 1 1 ? 4.415  4.794  2.778  1.000 20.510 0 1   PRO A HG2  1 
ATOM   12  H  HG3  . PRO A 1 1 ? 5.589  4.900  3.844  1.000 19.213 0 1   PRO A HG3  1 
ATOM   13  H  HD2  . PRO A 1 1 ? 4.475  2.643  3.425  1.000 13.975 0 1   PRO A HD2  1 
ATOM   14  H  HD3  . PRO A 1 1 ? 4.955  3.006  4.896  1.000 13.828 0 1   PRO A HD3  1 
ATOM   15  N  N    . ARG A 1 2 ? 0.951  4.558  3.030  1.000 11.448 0 2   ARG A N    1 
ATOM   16  C  CA   . ARG A 1 2 ? -0.222 4.977  2.270  1.000 12.906 0 2   ARG A CA   1 
ATOM   17  C  C    . ARG A 1 2 ? -1.492 4.240  2.679  1.000 11.771 0 2   ARG A C    1 
ATOM   18  O  O    . ARG A 1 2 ? -2.560 4.544  2.163  1.000 15.380 0 2   ARG A O    1 
ATOM   19  C  CB   A ARG A 1 2 ? 0.036  4.796  0.770  0.500 15.270 0 2   ARG A CB   1 
ATOM   20  C  CB   B ARG A 1 2 ? -0.027 4.714  0.779  0.500 14.326 0 2   ARG A CB   1 
ATOM   21  C  CG   A ARG A 1 2 ? 0.794  5.953  0.133  0.500 15.762 0 2   ARG A CG   1 
ATOM   22  C  CG   B ARG A 1 2 ? 1.122  5.486  0.163  0.500 16.420 0 2   ARG A CG   1 
ATOM   23  C  CD   A ARG A 1 2 ? 0.706  5.941  -1.386 0.500 17.709 0 2   ARG A CD   1 
ATOM   24  C  CD   B ARG A 1 2 ? 0.879  5.650  -1.319 0.500 18.091 0 2   ARG A CD   1 
ATOM   25  N  NE   A ARG A 1 2 ? 0.930  4.597  -1.900 0.500 20.884 0 2   ARG A NE   1 
ATOM   26  N  NE   B ARG A 1 2 ? 1.835  6.592  -1.850 0.500 15.607 0 2   ARG A NE   1 
ATOM   27  C  CZ   A ARG A 1 2 ? 0.026  3.848  -2.526 0.500 15.799 0 2   ARG A CZ   1 
ATOM   28  C  CZ   B ARG A 1 2 ? 3.124  6.338  -1.969 0.500 14.356 0 2   ARG A CZ   1 
ATOM   29  N  NH1  A ARG A 1 2 ? -1.191 4.308  -2.761 0.500 20.692 0 2   ARG A NH1  1 
ATOM   30  N  NH1  B ARG A 1 2 ? 3.595  5.154  -1.590 0.500 13.760 0 2   ARG A NH1  1 
ATOM   31  N  NH2  A ARG A 1 2 ? 0.352  2.625  -2.908 0.500 12.041 0 2   ARG A NH2  1 
ATOM   32  N  NH2  B ARG A 1 2 ? 3.914  7.280  -2.450 0.500 11.243 0 2   ARG A NH2  1 
ATOM   33  H  H    . ARG A 1 2 ? 1.506  3.789  2.683  1.000 11.804 0 2   ARG A H    1 
ATOM   34  H  HA   . ARG A 1 2 ? -0.361 5.940  2.428  1.000 12.850 0 2   ARG A HA   1 
ATOM   35  H  HB2  A ARG A 1 2 ? 0.548  3.972  0.636  0.500 15.132 0 2   ARG A HB2  1 
ATOM   36  H  HB2  B ARG A 1 2 ? 0.131  3.756  0.648  0.500 14.724 0 2   ARG A HB2  1 
ATOM   37  H  HB3  A ARG A 1 2 ? -0.823 4.694  0.312  0.500 14.896 0 2   ARG A HB3  1 
ATOM   38  H  HB3  B ARG A 1 2 ? -0.853 4.951  0.306  0.500 14.486 0 2   ARG A HB3  1 
ATOM   39  H  HG2  A ARG A 1 2 ? 0.432  6.801  0.466  0.500 15.955 0 2   ARG A HG2  1 
ATOM   40  H  HG2  B ARG A 1 2 ? 1.193  6.369  0.584  0.500 16.127 0 2   ARG A HG2  1 
ATOM   41  H  HG3  A ARG A 1 2 ? 1.737  5.902  0.397  0.500 15.323 0 2   ARG A HG3  1 
ATOM   42  H  HG3  B ARG A 1 2 ? 1.964  5.002  0.307  0.500 16.344 0 2   ARG A HG3  1 
ATOM   43  H  HD2  A ARG A 1 2 ? -0.181 6.255  -1.665 0.500 18.065 0 2   ARG A HD2  1 
ATOM   44  H  HD2  B ARG A 1 2 ? 0.979  4.784  -1.770 0.500 17.597 0 2   ARG A HD2  1 
ATOM   45  H  HD3  A ARG A 1 2 ? 1.378  6.550  -1.758 0.500 17.876 0 2   ARG A HD3  1 
ATOM   46  H  HD3  B ARG A 1 2 ? -0.032 5.978  -1.473 0.500 17.611 0 2   ARG A HD3  1 
ATOM   47  H  HE   A ARG A 1 2 ? 1.711  4.238  -1.756 0.500 20.225 0 2   ARG A HE   1 
ATOM   48  H  HE   B ARG A 1 2 ? 1.549  7.379  -2.095 0.500 15.596 0 2   ARG A HE   1 
ATOM   49  H  HH11 A ARG A 1 2 ? -1.411 5.117  -2.497 0.500 19.120 0 2   ARG A HH11 1 
ATOM   50  H  HH11 B ARG A 1 2 ? 3.046  4.547  -1.268 0.500 13.871 0 2   ARG A HH11 1 
ATOM   51  H  HH12 A ARG A 1 2 ? -1.777 3.803  -3.178 0.500 19.562 0 2   ARG A HH12 1 
ATOM   52  H  HH12 B ARG A 1 2 ? 4.453  4.980  -1.667 0.500 13.471 0 2   ARG A HH12 1 
ATOM   53  H  HH21 A ARG A 1 2 ? 1.164  2.319  -2.754 0.500 12.588 0 2   ARG A HH21 1 
ATOM   54  H  HH21 B ARG A 1 2 ? 3.574  8.055  -2.692 0.500 11.938 0 2   ARG A HH21 1 
ATOM   55  H  HH22 A ARG A 1 2 ? -0.239 2.129  -3.330 0.500 12.330 0 2   ARG A HH22 1 
ATOM   56  H  HH22 B ARG A 1 2 ? 4.777  7.125  -2.538 0.500 11.680 0 2   ARG A HH22 1 
ATOM   57  N  N    . ASP A 1 3 ? -1.376 3.256  3.569  1.000 10.057 0 3   ASP A N    1 
ATOM   58  C  CA   . ASP A 1 3 ? -2.469 2.356  3.881  1.000 9.536  0 3   ASP A CA   1 
ATOM   59  C  C    . ASP A 1 3 ? -2.838 2.513  5.352  1.000 9.650  0 3   ASP A C    1 
ATOM   60  O  O    . ASP A 1 3 ? -2.068 2.074  6.215  1.000 10.068 0 3   ASP A O    1 
ATOM   61  C  CB   . ASP A 1 3 ? -2.041 0.932  3.582  1.000 9.007  0 3   ASP A CB   1 
ATOM   62  C  CG   . ASP A 1 3 ? -3.067 -0.154 3.839  1.000 8.255  0 3   ASP A CG   1 
ATOM   63  O  OD1  . ASP A 1 3 ? -4.104 0.104  4.483  1.000 9.968  0 3   ASP A OD1  1 
ATOM   64  O  OD2  . ASP A 1 3 ? -2.762 -1.300 3.421  1.000 8.024  0 3   ASP A OD2  1 
ATOM   65  H  H    . ASP A 1 3 ? -0.498 3.121  4.043  1.000 10.217 0 3   ASP A H    1 
ATOM   66  H  HA   . ASP A 1 3 ? -3.244 2.580  3.318  1.000 9.423  0 3   ASP A HA   1 
ATOM   67  H  HB2  . ASP A 1 3 ? -1.785 0.882  2.640  1.000 8.847  0 3   ASP A HB2  1 
ATOM   68  H  HB3  . ASP A 1 3 ? -1.248 0.727  4.119  1.000 9.236  0 3   ASP A HB3  1 
ATOM   69  N  N    . PRO B 1 1 ? -3.212 -3.863 -3.878 1.000 8.784  0 1   PRO B N    1 
ATOM   70  C  CA   . PRO B 1 1 ? -2.591 -4.363 -5.108 1.000 10.339 0 1   PRO B CA   1 
ATOM   71  C  C    . PRO B 1 1 ? -1.062 -4.256 -5.139 1.000 9.166  0 1   PRO B C    1 
ATOM   72  O  O    . PRO B 1 1 ? -0.401 -5.103 -5.746 1.000 11.593 0 1   PRO B O    1 
ATOM   73  C  CB   . PRO B 1 1 ? -3.238 -3.499 -6.201 1.000 13.860 0 1   PRO B CB   1 
ATOM   74  C  CG   . PRO B 1 1 ? -4.574 -3.121 -5.635 1.000 14.868 0 1   PRO B CG   1 
ATOM   75  C  CD   . PRO B 1 1 ? -4.292 -2.906 -4.167 1.000 11.042 0 1   PRO B CD   1 
ATOM   76  H  HA   . PRO B 1 1 ? -2.860 -5.306 -5.245 1.000 10.197 0 1   PRO B HA   1 
ATOM   77  H  HB2  . PRO B 1 1 ? -2.699 -2.700 -6.382 1.000 13.281 0 1   PRO B HB2  1 
ATOM   78  H  HB3  . PRO B 1 1 ? -3.343 -4.006 -7.033 1.000 13.457 0 1   PRO B HB3  1 
ATOM   79  H  HG2  . PRO B 1 1 ? -4.912 -2.302 -6.051 1.000 14.326 0 1   PRO B HG2  1 
ATOM   80  H  HG3  . PRO B 1 1 ? -5.226 -3.839 -5.765 1.000 14.327 0 1   PRO B HG3  1 
ATOM   81  H  HD2  . PRO B 1 1 ? -4.003 -1.991 -3.995 1.000 10.956 0 1   PRO B HD2  1 
ATOM   82  H  HD3  . PRO B 1 1 ? -5.085 -3.093 -3.632 1.000 10.816 0 1   PRO B HD3  1 
ATOM   83  N  N    . ARG B 1 2 ? -0.492 -3.221 -4.521 1.000 7.909  0 2   ARG B N    1 
ATOM   84  C  CA   . ARG B 1 2 ? 0.946  -2.981 -4.634 1.000 8.059  0 2   ARG B CA   1 
ATOM   85  C  C    . ARG B 1 2 ? 1.766  -3.649 -3.527 1.000 8.258  0 2   ARG B C    1 
ATOM   86  O  O    . ARG B 1 2 ? 2.993  -3.625 -3.569 1.000 10.102 0 2   ARG B O    1 
ATOM   87  C  CB   . ARG B 1 2 ? 1.224  -1.480 -4.619 1.000 8.526  0 2   ARG B CB   1 
ATOM   88  C  CG   . ARG B 1 2 ? 0.706  -0.769 -5.860 1.000 9.304  0 2   ARG B CG   1 
ATOM   89  C  CD   . ARG B 1 2 ? 1.060  0.698  -5.778 1.000 10.417 0 2   ARG B CD   1 
ATOM   90  N  NE   . ARG B 1 2 ? 0.515  1.479  -6.880 1.000 11.961 0 2   ARG B NE   1 
ATOM   91  C  CZ   . ARG B 1 2 ? 1.042  1.578  -8.099 1.000 11.512 0 2   ARG B CZ   1 
ATOM   92  N  NH1  . ARG B 1 2 ? 2.190  0.986  -8.399 1.000 11.180 0 2   ARG B NH1  1 
ATOM   93  N  NH2  . ARG B 1 2 ? 0.417  2.301  -9.010 1.000 13.598 0 2   ARG B NH2  1 
ATOM   94  H  H    . ARG B 1 2 ? -1.053 -2.583 -3.974 1.000 8.029  0 2   ARG B H    1 
ATOM   95  H  HA   . ARG B 1 2 ? 1.250  -3.341 -5.500 1.000 8.100  0 2   ARG B HA   1 
ATOM   96  H  HB2  . ARG B 1 2 ? 0.800  -1.089 -3.827 1.000 8.601  0 2   ARG B HB2  1 
ATOM   97  H  HB3  . ARG B 1 2 ? 2.190  -1.337 -4.549 1.000 8.577  0 2   ARG B HB3  1 
ATOM   98  H  HG2  . ARG B 1 2 ? 1.111  -1.161 -6.663 1.000 9.439  0 2   ARG B HG2  1 
ATOM   99  H  HG3  . ARG B 1 2 ? -0.269 -0.870 -5.921 1.000 9.228  0 2   ARG B HG3  1 
ATOM   100 H  HD2  . ARG B 1 2 ? 0.717  1.059  -4.936 1.000 10.359 0 2   ARG B HD2  1 
ATOM   101 H  HD3  . ARG B 1 2 ? 2.035  0.794  -5.765 1.000 10.558 0 2   ARG B HD3  1 
ATOM   102 H  HE   . ARG B 1 2 ? -0.248 1.880  -6.744 1.000 11.412 0 2   ARG B HE   1 
ATOM   103 H  HH11 . ARG B 1 2 ? 2.608  0.499  -7.801 1.000 11.245 0 2   ARG B HH11 1 
ATOM   104 H  HH12 . ARG B 1 2 ? 2.526  1.070  -9.208 1.000 11.191 0 2   ARG B HH12 1 
ATOM   105 H  HH21 . ARG B 1 2 ? -0.341 2.702  -8.810 1.000 12.827 0 2   ARG B HH21 1 
ATOM   106 H  HH22 . ARG B 1 2 ? 0.764  2.388  -9.815 1.000 12.991 0 2   ARG B HH22 1 
ATOM   107 N  N    . ASP B 1 3 ? 1.105  -4.229 -2.525 1.000 7.707  0 3   ASP B N    1 
ATOM   108 C  CA   . ASP B 1 3 ? 1.778  -4.698 -1.322 1.000 7.335  0 3   ASP B CA   1 
ATOM   109 C  C    . ASP B 1 3 ? 1.778  -6.223 -1.318 1.000 7.625  0 3   ASP B C    1 
ATOM   110 O  O    . ASP B 1 3 ? 0.701  -6.824 -1.158 1.000 8.334  0 3   ASP B O    1 
ATOM   111 C  CB   . ASP B 1 3 ? 1.061  -4.139 -0.109 1.000 7.580  0 3   ASP B CB   1 
ATOM   112 C  CG   . ASP B 1 3 ? 1.633  -4.495 1.246  1.000 7.558  0 3   ASP B CG   1 
ATOM   113 O  OD1  . ASP B 1 3 ? 2.495  -5.396 1.344  1.000 8.956  0 3   ASP B OD1  1 
ATOM   114 O  OD2  . ASP B 1 3 ? 1.167  -3.847 2.218  1.000 7.864  0 3   ASP B OD2  1 
ATOM   115 H  H    . ASP B 1 3 ? 0.106  -4.351 -2.596 1.000 7.717  0 3   ASP B H    1 
ATOM   116 H  HA   . ASP B 1 3 ? 2.704  -4.364 -1.321 1.000 7.354  0 3   ASP B HA   1 
ATOM   117 H  HB2  . ASP B 1 3 ? 1.058  -3.163 -0.183 1.000 7.449  0 3   ASP B HB2  1 
ATOM   118 H  HB3  . ASP B 1 3 ? 0.131  -4.444 -0.130 1.000 7.606  0 3   ASP B HB3  1 
HETATM 119 NA NA   . NA  C 2 . ? -0.130 2.711  7.414  0.330 10.143 0 101 NA  A NA   1 
HETATM 120 NA NA   . NA  D 2 . ? -0.739 -2.377 2.606  0.330 7.451  0 102 NA  A NA   1 
HETATM 121 ZN ZN   . ZN  E 3 . ? 1.789  -4.042 4.093  1.000 8.081  0 101 ZN  B ZN   1 
HETATM 122 CL CL   . CL  F 4 . ? 3.791  -3.025 4.163  1.000 10.267 0 102 CL  B CL   1 
HETATM 123 CL CL   . CL  G 4 . ? 1.496  -6.062 4.972  1.000 10.193 0 103 CL  B CL   1 
HETATM 124 NA NA   . NA  H 2 . ? -1.350 -7.480 -2.217 0.330 8.275  0 104 NA  B NA   1 
HETATM 125 O  O    . HOH I 5 . ? -6.843 -0.006 4.287  1.000 47.923 0 201 HOH A O    1 
HETATM 126 O  O    . HOH I 5 . ? -0.523 5.088  7.138  1.000 14.120 0 202 HOH A O    1 
HETATM 127 O  O    . HOH I 5 . ? -5.348 3.555  0.557  1.000 55.976 0 203 HOH A O    1 
HETATM 128 O  O    A HOH I 5 . ? 3.543  7.669  -2.294 0.500 16.947 0 204 HOH A O    1 
HETATM 129 O  O    B HOH I 5 . ? 2.230  9.977  -1.963 0.500 38.858 0 204 HOH A O    1 
HETATM 130 O  O    . HOH J 5 . ? -0.471 -7.598 -4.476 1.000 12.990 0 201 HOH B O    1 
HETATM 131 O  O    . HOH J 5 . ? 4.865  -6.217 2.627  1.000 17.693 0 202 HOH B O    1 
HETATM 132 O  O    . HOH J 5 . ? -1.729 3.390  -6.290 1.000 32.815 0 203 HOH B O    1 
HETATM 133 O  O    . HOH J 5 . ? -2.972 0.617  -6.073 1.000 31.150 0 204 HOH B O    1 
# 
loop_
_atom_site_anisotrop.id 
_atom_site_anisotrop.type_symbol 
_atom_site_anisotrop.pdbx_label_atom_id 
_atom_site_anisotrop.pdbx_label_alt_id 
_atom_site_anisotrop.pdbx_label_comp_id 
_atom_site_anisotrop.pdbx_label_asym_id 
_atom_site_anisotrop.pdbx_label_seq_id 
_atom_site_anisotrop.pdbx_PDB_ins_code 
_atom_site_anisotrop.U[1][1] 
_atom_site_anisotrop.U[2][2] 
_atom_site_anisotrop.U[3][3] 
_atom_site_anisotrop.U[1][2] 
_atom_site_anisotrop.U[1][3] 
_atom_site_anisotrop.U[2][3] 
_atom_site_anisotrop.pdbx_auth_seq_id 
_atom_site_anisotrop.pdbx_auth_comp_id 
_atom_site_anisotrop.pdbx_auth_asym_id 
_atom_site_anisotrop.pdbx_auth_atom_id 
1   N  N    . PRO A 1 ? 0.1373 0.1388 0.1569 -0.0358 0.0118  0.0311  1   PRO A N    
2   C  CA   . PRO A 1 ? 0.1849 0.1353 0.1608 -0.0395 0.0116  0.0262  1   PRO A CA   
3   C  C    . PRO A 1 ? 0.2194 0.1092 0.1644 -0.0237 -0.0031 0.0277  1   PRO A C    
4   O  O    . PRO A 1 ? 0.3316 0.1429 0.2085 0.0401  -0.0522 -0.0241 1   PRO A O    
5   C  CB   . PRO A 1 ? 0.2370 0.1707 0.2253 -0.0975 -0.0002 0.0278  1   PRO A CB   
6   C  CG   . PRO A 1 ? 0.2433 0.2012 0.3515 -0.1051 0.0710  0.0090  1   PRO A CG   
7   C  CD   . PRO A 1 ? 0.1434 0.2006 0.1931 -0.0577 0.0259  0.0177  1   PRO A CD   
8   H  HA   . PRO A 1 ? 0.1887 0.1395 0.1607 -0.0452 0.0096  0.0270  1   PRO A HA   
9   H  HB2  . PRO A 1 ? 0.2203 0.1671 0.2257 -0.0813 0.0160  0.0206  1   PRO A HB2  
10  H  HB3  . PRO A 1 ? 0.2174 0.1632 0.2185 -0.0817 0.0117  0.0216  1   PRO A HB3  
11  H  HG2  . PRO A 1 ? 0.2244 0.2009 0.3537 -0.0914 0.0599  0.0058  1   PRO A HG2  
12  H  HG3  . PRO A 1 ? 0.2408 0.1993 0.2899 -0.0844 0.0461  0.0142  1   PRO A HG3  
13  H  HD2  . PRO A 1 ? 0.1528 0.1760 0.2022 -0.0568 0.0256  0.0232  1   PRO A HD2  
14  H  HD3  . PRO A 1 ? 0.1521 0.1755 0.1984 -0.0566 0.0239  0.0234  1   PRO A HD3  
15  N  N    . ARG A 2 ? 0.1771 0.1193 0.1386 -0.0129 0.0211  0.0316  2   ARG A N    
16  C  CA   . ARG A 2 ? 0.1938 0.1340 0.1632 -0.0066 0.0092  0.0501  2   ARG A CA   
17  C  C    . ARG A 2 ? 0.1650 0.1360 0.1460 0.0165  0.0078  0.0425  2   ARG A C    
18  O  O    . ARG A 2 ? 0.1866 0.1780 0.2194 0.0387  -0.0119 0.0798  2   ARG A O    
19  C  CB   A ARG A 2 ? 0.2268 0.1938 0.1594 -0.0327 -0.0042 0.0390  2   ARG A CB   
20  C  CB   B ARG A 2 ? 0.2174 0.1763 0.1503 -0.0691 -0.0010 0.0680  2   ARG A CB   
21  C  CG   A ARG A 2 ? 0.1858 0.1965 0.2177 -0.0353 -0.0028 0.0347  2   ARG A CG   
22  C  CG   B ARG A 2 ? 0.2306 0.1842 0.2093 -0.0853 0.0045  0.0756  2   ARG A CG   
23  C  CD   A ARG A 2 ? 0.2637 0.1970 0.2123 -0.0342 0.0499  0.0138  2   ARG A CD   
24  C  CD   B ARG A 2 ? 0.2443 0.2396 0.2041 -0.0537 0.0202  0.0700  2   ARG A CD   
25  N  NE   A ARG A 2 ? 0.3213 0.2006 0.2711 -0.0399 0.0839  -0.0055 2   ARG A NE   
26  N  NE   B ARG A 2 ? 0.1892 0.2299 0.1740 -0.0270 0.0224  0.0488  2   ARG A NE   
27  C  CZ   A ARG A 2 ? 0.2170 0.2034 0.1806 0.0182  0.0853  0.0351  2   ARG A CZ   
28  C  CZ   B ARG A 2 ? 0.1801 0.1757 0.1902 -0.0619 0.0229  0.0439  2   ARG A CZ   
29  N  NH1  A ARG A 2 ? 0.2592 0.2674 0.2594 0.0728  0.0552  0.0320  2   ARG A NH1  
30  N  NH1  B ARG A 2 ? 0.1366 0.1768 0.2096 -0.0461 0.0404  0.0112  2   ARG A NH1  
31  N  NH2  A ARG A 2 ? 0.1189 0.1807 0.1584 -0.0280 0.0730  0.0343  2   ARG A NH2  
32  N  NH2  B ARG A 2 ? 0.1281 0.1928 0.1071 -0.0414 0.0240  0.0385  2   ARG A NH2  
33  H  H    . ARG A 2 ? 0.1847 0.1143 0.1490 -0.0097 0.0157  0.0325  2   ARG A H    
34  H  HA   . ARG A 2 ? 0.1968 0.1343 0.1580 -0.0152 0.0081  0.0425  2   ARG A HA   
35  H  HB2  A ARG A 2 ? 0.2135 0.1916 0.1699 -0.0370 -0.0015 0.0446  2   ARG A HB2  
36  H  HB2  B ARG A 2 ? 0.2136 0.1814 0.1650 -0.0567 0.0019  0.0665  2   ARG A HB2  
37  H  HB3  A ARG A 2 ? 0.2127 0.1792 0.1742 -0.0251 0.0024  0.0432  2   ARG A HB3  
38  H  HB3  B ARG A 2 ? 0.2145 0.1694 0.1670 -0.0533 0.0037  0.0642  2   ARG A HB3  
39  H  HG2  A ARG A 2 ? 0.2068 0.1980 0.2012 -0.0356 0.0059  0.0335  2   ARG A HG2  
40  H  HG2  B ARG A 2 ? 0.2304 0.1914 0.1912 -0.0752 0.0061  0.0708  2   ARG A HG2  
41  H  HG3  A ARG A 2 ? 0.1848 0.1969 0.2003 -0.0332 0.0006  0.0320  2   ARG A HG3  
42  H  HG3  B ARG A 2 ? 0.2350 0.1942 0.1918 -0.0775 0.0075  0.0711  2   ARG A HG3  
43  H  HD2  A ARG A 2 ? 0.2627 0.1979 0.2264 -0.0385 0.0457  0.0148  2   ARG A HD2  
44  H  HD2  B ARG A 2 ? 0.2301 0.2364 0.2015 -0.0562 0.0166  0.0717  2   ARG A HD2  
45  H  HD3  A ARG A 2 ? 0.2562 0.1978 0.2250 -0.0362 0.0434  0.0156  2   ARG A HD3  
46  H  HD3  B ARG A 2 ? 0.2407 0.2289 0.1994 -0.0590 0.0188  0.0666  2   ARG A HD3  
47  H  HE   A ARG A 2 ? 0.3194 0.2138 0.2348 -0.0400 0.0832  0.0038  2   ARG A HE   
48  H  HE   B ARG A 2 ? 0.1933 0.2167 0.1819 -0.0426 0.0234  0.0498  2   ARG A HE   
49  H  HH11 A ARG A 2 ? 0.2432 0.2544 0.2295 0.0447  0.0682  0.0390  2   ARG A HH11 
50  H  HH11 B ARG A 2 ? 0.1480 0.1803 0.1997 -0.0486 0.0347  0.0211  2   ARG A HH11 
51  H  HH12 A ARG A 2 ? 0.2553 0.2531 0.2356 0.0590  0.0783  0.0448  2   ARG A HH12 
52  H  HH12 B ARG A 2 ? 0.1346 0.1777 0.1987 -0.0480 0.0362  0.0217  2   ARG A HH12 
53  H  HH21 A ARG A 2 ? 0.1306 0.1835 0.1638 -0.0116 0.0710  0.0334  2   ARG A HH21 
54  H  HH21 B ARG A 2 ? 0.1374 0.1853 0.1303 -0.0453 0.0245  0.0400  2   ARG A HH21 
55  H  HH22 A ARG A 2 ? 0.1324 0.1770 0.1596 -0.0238 0.0652  0.0280  2   ARG A HH22 
56  H  HH22 B ARG A 2 ? 0.1270 0.1863 0.1307 -0.0437 0.0254  0.0390  2   ARG A HH22 
57  N  N    . ASP A 3 ? 0.1238 0.1203 0.1370 0.0069  0.0043  0.0308  3   ASP A N    
58  C  CA   . ASP A 3 ? 0.0976 0.1199 0.1435 0.0218  0.0075  0.0319  3   ASP A CA   
59  C  C    . ASP A 3 ? 0.0909 0.1285 0.1476 0.0081  0.0057  0.0092  3   ASP A C    
60  O  O    . ASP A 3 ? 0.0934 0.1585 0.1301 0.0100  0.0111  0.0128  3   ASP A O    
61  C  CB   . ASP A 3 ? 0.0996 0.1170 0.1264 0.0094  0.0219  0.0322  3   ASP A CB   
62  C  CG   . ASP A 3 ? 0.0834 0.1133 0.1173 0.0138  0.0070  0.0288  3   ASP A CG   
63  O  OD1  . ASP A 3 ? 0.0804 0.1363 0.1613 0.0122  0.0168  0.0221  3   ASP A OD1  
64  O  OD2  . ASP A 3 ? 0.0811 0.1070 0.1170 0.0090  0.0001  0.0246  3   ASP A OD2  
65  H  H    . ASP A 3 ? 0.1245 0.1227 0.1398 0.0113  0.0035  0.0337  3   ASP A H    
66  H  HA   . ASP A 3 ? 0.0990 0.1216 0.1384 0.0154  0.0063  0.0293  3   ASP A HA   
67  H  HB2  . ASP A 3 ? 0.0960 0.1165 0.1236 0.0132  0.0167  0.0310  3   ASP A HB2  
68  H  HB3  . ASP A 3 ? 0.1008 0.1191 0.1312 0.0125  0.0194  0.0308  3   ASP A HB3  
69  N  N    . PRO B 1 ? 0.0722 0.1543 0.1075 -0.0147 -0.0079 0.0595  1   PRO B N    
70  C  CA   . PRO B 1 ? 0.1034 0.1843 0.1053 -0.0347 -0.0043 0.0395  1   PRO B CA   
71  C  C    . PRO B 1 ? 0.1033 0.1408 0.1039 -0.0211 0.0119  0.0414  1   PRO B C    
72  O  O    . PRO B 1 ? 0.1457 0.1510 0.1442 -0.0307 0.0368  0.0108  1   PRO B O    
73  C  CB   . PRO B 1 ? 0.1194 0.2883 0.1193 -0.0409 -0.0298 0.0795  1   PRO B CB   
74  C  CG   . PRO B 1 ? 0.1436 0.2702 0.1512 -0.0106 -0.0232 0.0662  1   PRO B CG   
75  C  CD   . PRO B 1 ? 0.0919 0.1882 0.1399 -0.0002 -0.0077 0.0899  1   PRO B CD   
76  H  HA   . PRO B 1 ? 0.0993 0.1783 0.1104 -0.0293 -0.0055 0.0519  1   PRO B HA   
77  H  HB2  . PRO B 1 ? 0.1229 0.2604 0.1217 -0.0253 -0.0213 0.0608  1   PRO B HB2  
78  H  HB3  . PRO B 1 ? 0.1189 0.2584 0.1347 -0.0302 -0.0191 0.0713  1   PRO B HB3  
79  H  HG2  . PRO B 1 ? 0.1303 0.2679 0.1469 -0.0179 -0.0173 0.0687  1   PRO B HG2  
80  H  HG3  . PRO B 1 ? 0.1344 0.2649 0.1447 -0.0072 -0.0186 0.0762  1   PRO B HG3  
81  H  HD2  . PRO B 1 ? 0.0924 0.1954 0.1292 -0.0047 -0.0099 0.0778  1   PRO B HD2  
82  H  HD3  . PRO B 1 ? 0.0920 0.1900 0.1291 -0.0062 -0.0101 0.0769  1   PRO B HD3  
83  N  N    . ARG B 2 ? 0.0800 0.1257 0.0953 -0.0034 0.0086  0.0477  2   ARG B N    
84  C  CA   . ARG B 2 ? 0.0810 0.1267 0.0992 -0.0084 0.0143  0.0503  2   ARG B CA   
85  C  C    . ARG B 2 ? 0.0735 0.1304 0.1101 -0.0047 0.0153  0.0538  2   ARG B C    
86  O  O    . ARG B 2 ? 0.0745 0.1789 0.1296 -0.0013 0.0160  0.0668  2   ARG B O    
87  C  CB   . ARG B 2 ? 0.0860 0.1266 0.1103 -0.0159 0.0029  0.0494  2   ARG B CB   
88  C  CG   . ARG B 2 ? 0.0899 0.1365 0.1266 -0.0102 0.0136  0.0678  2   ARG B CG   
89  C  CD   . ARG B 2 ? 0.1159 0.1355 0.1446 -0.0042 0.0261  0.0543  2   ARG B CD   
90  N  NE   . ARG B 2 ? 0.1269 0.1512 0.1769 0.0142  0.0346  0.0798  2   ARG B NE   
91  C  CZ   . ARG B 2 ? 0.1128 0.1545 0.1696 -0.0049 0.0206  0.0847  2   ARG B CZ   
92  N  NH1  . ARG B 2 ? 0.1108 0.1632 0.1510 -0.0056 0.0188  0.0801  2   ARG B NH1  
93  N  NH2  . ARG B 2 ? 0.1264 0.1908 0.1988 0.0188  0.0218  0.1100  2   ARG B NH2  
94  H  H    . ARG B 2 ? 0.0819 0.1260 0.0970 -0.0060 0.0116  0.0457  2   ARG B H    
95  H  HA   . ARG B 2 ? 0.0811 0.1265 0.1004 -0.0081 0.0124  0.0480  2   ARG B HA   
96  H  HB2  . ARG B 2 ? 0.0850 0.1295 0.1125 -0.0130 0.0075  0.0540  2   ARG B HB2  
97  H  HB3  . ARG B 2 ? 0.0844 0.1298 0.1118 -0.0126 0.0084  0.0540  2   ARG B HB3  
98  H  HG2  . ARG B 2 ? 0.0948 0.1349 0.1293 -0.0116 0.0116  0.0617  2   ARG B HG2  
99  H  HG3  . ARG B 2 ? 0.0908 0.1333 0.1269 -0.0112 0.0127  0.0605  2   ARG B HG3  
100 H  HD2  . ARG B 2 ? 0.1113 0.1397 0.1420 -0.0019 0.0279  0.0599  2   ARG B HD2  
101 H  HD3  . ARG B 2 ? 0.1153 0.1404 0.1453 -0.0024 0.0246  0.0635  2   ARG B HD3  
102 H  HE   . ARG B 2 ? 0.1177 0.1493 0.1669 0.0057  0.0289  0.0752  2   ARG B HE   
103 H  HH11 . ARG B 2 ? 0.1116 0.1589 0.1565 -0.0044 0.0195  0.0816  2   ARG B HH11 
104 H  HH12 . ARG B 2 ? 0.1110 0.1610 0.1530 -0.0044 0.0210  0.0819  2   ARG B HH12 
105 H  HH21 . ARG B 2 ? 0.1231 0.1756 0.1883 0.0087  0.0199  0.0983  2   ARG B HH21 
106 H  HH22 . ARG B 2 ? 0.1232 0.1756 0.1942 0.0098  0.0176  0.0977  2   ARG B HH22 
107 N  N    . ASP B 3 ? 0.0623 0.1279 0.1018 0.0013  0.0075  0.0563  3   ASP B N    
108 C  CA   . ASP B 3 ? 0.0555 0.1225 0.1001 0.0019  0.0083  0.0548  3   ASP B CA   
109 C  C    . ASP B 3 ? 0.0683 0.1226 0.0990 0.0129  0.0036  0.0442  3   ASP B C    
110 O  O    . ASP B 3 ? 0.0747 0.1153 0.1271 0.0080  -0.0035 0.0504  3   ASP B O    
111 C  CB   . ASP B 3 ? 0.0663 0.1143 0.1074 0.0078  0.0087  0.0517  3   ASP B CB   
112 C  CG   . ASP B 3 ? 0.0658 0.1203 0.1009 0.0031  0.0058  0.0405  3   ASP B CG   
113 O  OD1  . ASP B 3 ? 0.0874 0.1503 0.1024 0.0288  -0.0002 0.0434  3   ASP B OD1  
114 O  OD2  . ASP B 3 ? 0.0778 0.1224 0.0988 0.0004  0.0064  0.0345  3   ASP B OD2  
115 H  H    . ASP B 3 ? 0.0629 0.1273 0.1027 -0.0001 0.0094  0.0551  3   ASP B H    
116 H  HA   . ASP B 3 ? 0.0552 0.1225 0.1023 0.0027  0.0080  0.0526  3   ASP B HA   
117 H  HB2  . ASP B 3 ? 0.0644 0.1150 0.1036 0.0053  0.0078  0.0496  3   ASP B HB2  
118 H  HB3  . ASP B 3 ? 0.0671 0.1179 0.1040 0.0062  0.0074  0.0498  3   ASP B HB3  
119 NA NA   . NA  C . ? 0.1150 0.1366 0.1334 0.0023  0.0038  0.0185  101 NA  A NA   
120 NA NA   . NA  D . ? 0.0709 0.1072 0.1049 0.0060  0.0036  0.0383  102 NA  A NA   
121 ZN ZN   . ZN  E . ? 0.0819 0.1193 0.1068 0.0057  0.0021  0.0422  101 ZN  B ZN   
122 CL CL   . CL  F . ? 0.0844 0.1658 0.1398 -0.0084 -0.0056 0.0330  102 CL  B CL   
123 CL CL   . CL  G . ? 0.1217 0.1256 0.1397 0.0190  0.0210  0.0595  103 CL  B CL   
124 NA NA   . NA  H . ? 0.0814 0.1189 0.1148 0.0049  0.0041  0.0366  104 NA  B NA   
125 O  O    . HOH I . ? 0.0169 1.1225 0.6816 0.1040  -0.0287 -0.0580 201 HOH A O    
126 O  O    . HOH I . ? 0.2026 0.1541 0.1793 0.0290  0.0131  0.0137  202 HOH A O    
127 O  O    . HOH I . ? 0.9806 0.5635 0.5829 0.2770  -0.2679 -0.2702 203 HOH A O    
128 O  O    A HOH I . ? 0.1186 0.4090 0.1164 0.0211  0.0242  -0.0296 204 HOH A O    
129 O  O    B HOH I . ? 0.8629 0.3261 0.2880 0.0301  -0.1513 0.2027  204 HOH A O    
130 O  O    . HOH J . ? 0.1913 0.1552 0.1464 -0.0018 0.0356  0.0248  201 HOH B O    
131 O  O    . HOH J . ? 0.1554 0.2126 0.3040 0.0265  -0.0042 0.1142  202 HOH B O    
132 O  O    . HOH J . ? 0.1770 0.4120 0.6580 0.0436  0.0985  -0.1399 203 HOH B O    
133 O  O    . HOH J . ? 0.2889 0.4971 0.3980 0.1251  -0.1003 0.1030  204 HOH B O    
# 
